data_6G9X
#
_entry.id   6G9X
#
_cell.length_a   106.765
_cell.length_b   200.539
_cell.length_c   64.561
_cell.angle_alpha   90.000
_cell.angle_beta   90.000
_cell.angle_gamma   90.000
#
_symmetry.space_group_name_H-M   'P 21 21 2'
#
loop_
_entity.id
_entity.type
_entity.pdbx_description
1 polymer 'Major facilitator superfamily MFS_1'
2 non-polymer 'MERCURY (II) ION'
3 non-polymer '2-sulfanylbenzoic acid'
4 non-polymer '4-(2-HYDROXYETHYL)-1-PIPERAZINE ETHANESULFONIC ACID'
5 non-polymer 'nonyl beta-D-glucopyranoside'
6 water water
#
_entity_poly.entity_id   1
_entity_poly.type   'polypeptide(L)'
_entity_poly.pdbx_seq_one_letter_code
;MADQQTTMPRWVPLLLGLLGSTTCGMLLYAWSVFIKPLNAEFGWSRAEIAMAFAICCLIFGLMTFPAGRLSDKMGPRKVV
MTGGVLLAIGFILSGFIQSKYQLYITYGVIAGFGGGMIYLPPIATAPKWWPDRRALATGFAVVGLGLGSFLMGPLATYII
EKPGMGWRYVFWYCGVAMGIMALIAGAFLEPPPAGWKPAGYTPPAPPAGAAAPKVTRDWTYEEAKGDTKFWLLYLAYFCG
SFAGLMVIGHLAGFGRDAGLTAMAAAGAVSSLAFSNAATRILSGWFVDKIGIRVYFAALFALQTAAMIAIFQLGGSVVGL
SIVAIVIGWNYGAMFTLFPATCLQFYGPTAQGSNYGLLFTACGLAGFAGPWVGGWLKDTTGTYYLPFLCAAALCALGTAI
VFMTKPPEKKHALELEVLFQ
;
_entity_poly.pdbx_strand_id   A,B
#
# COMPACT_ATOMS: atom_id res chain seq x y z
N THR A 7 -17.94 44.01 -13.00
CA THR A 7 -18.28 43.36 -11.74
C THR A 7 -17.17 43.53 -10.68
N MET A 8 -16.21 42.60 -10.62
CA MET A 8 -15.13 42.73 -9.66
C MET A 8 -13.86 42.12 -10.24
N PRO A 9 -12.68 42.55 -9.76
CA PRO A 9 -11.42 42.06 -10.32
C PRO A 9 -11.17 40.62 -9.92
N ARG A 10 -10.90 39.78 -10.91
CA ARG A 10 -10.92 38.33 -10.70
C ARG A 10 -9.77 37.84 -9.84
N TRP A 11 -8.93 38.71 -9.29
CA TRP A 11 -7.93 38.22 -8.35
C TRP A 11 -8.43 38.23 -6.91
N VAL A 12 -9.55 38.90 -6.66
CA VAL A 12 -10.11 38.91 -5.30
C VAL A 12 -10.47 37.51 -4.81
N PRO A 13 -11.11 36.64 -5.60
CA PRO A 13 -11.35 35.26 -5.11
C PRO A 13 -10.09 34.52 -4.69
N LEU A 14 -8.94 34.91 -5.26
CA LEU A 14 -7.65 34.38 -4.80
C LEU A 14 -7.37 34.84 -3.37
N LEU A 15 -7.56 36.13 -3.12
CA LEU A 15 -7.34 36.63 -1.77
C LEU A 15 -8.31 35.98 -0.79
N LEU A 16 -9.53 35.75 -1.26
CA LEU A 16 -10.54 35.08 -0.44
C LEU A 16 -10.13 33.65 -0.10
N GLY A 17 -9.71 32.88 -1.11
CA GLY A 17 -9.24 31.53 -0.84
C GLY A 17 -8.04 31.53 0.08
N LEU A 18 -7.15 32.51 -0.08
CA LEU A 18 -6.01 32.64 0.82
C LEU A 18 -6.44 32.89 2.26
N LEU A 19 -7.40 33.80 2.45
CA LEU A 19 -7.95 34.08 3.76
C LEU A 19 -8.61 32.84 4.36
N GLY A 20 -9.53 32.22 3.61
CA GLY A 20 -10.20 31.04 4.10
C GLY A 20 -9.24 29.93 4.46
N SER A 21 -8.33 29.60 3.53
CA SER A 21 -7.39 28.52 3.77
C SER A 21 -6.43 28.86 4.89
N THR A 22 -6.13 30.14 5.10
CA THR A 22 -5.23 30.51 6.20
C THR A 22 -5.92 30.32 7.54
N THR A 23 -7.19 30.71 7.61
CA THR A 23 -8.06 30.28 8.70
C THR A 23 -7.88 28.79 8.97
N CYS A 24 -8.00 28.00 7.90
CA CYS A 24 -7.92 26.55 8.07
C CYS A 24 -6.55 26.11 8.58
N GLY A 25 -5.49 26.75 8.09
CA GLY A 25 -4.14 26.39 8.53
C GLY A 25 -3.91 26.72 9.99
N MET A 26 -4.48 27.83 10.47
CA MET A 26 -4.51 28.12 11.90
C MET A 26 -5.21 27.01 12.68
N LEU A 27 -6.34 26.53 12.16
CA LEU A 27 -7.02 25.40 12.81
C LEU A 27 -6.09 24.20 12.93
N LEU A 28 -5.42 23.85 11.83
CA LEU A 28 -4.55 22.67 11.79
C LEU A 28 -3.34 22.84 12.68
N TYR A 29 -2.84 24.07 12.83
CA TYR A 29 -1.65 24.34 13.64
C TYR A 29 -1.93 24.36 15.15
N ALA A 30 -3.11 24.83 15.55
CA ALA A 30 -3.35 25.14 16.96
C ALA A 30 -3.05 23.96 17.89
N TRP A 31 -3.51 22.76 17.52
CA TRP A 31 -3.43 21.66 18.48
C TRP A 31 -1.99 21.37 18.88
N SER A 32 -1.05 21.52 17.94
CA SER A 32 0.35 21.25 18.26
C SER A 32 0.84 22.20 19.36
N VAL A 33 0.46 23.48 19.32
CA VAL A 33 0.86 24.39 20.39
C VAL A 33 0.07 24.13 21.66
N PHE A 34 -1.11 23.49 21.55
CA PHE A 34 -1.91 23.23 22.75
C PHE A 34 -1.53 21.95 23.49
N ILE A 35 -0.74 21.07 22.89
CA ILE A 35 -0.42 19.81 23.58
C ILE A 35 0.25 20.07 24.93
N LYS A 36 1.34 20.88 24.94
CA LYS A 36 2.01 21.16 26.21
C LYS A 36 1.15 21.91 27.21
N PRO A 37 0.47 23.00 26.85
CA PRO A 37 -0.40 23.68 27.84
C PRO A 37 -1.51 22.79 28.38
N LEU A 38 -2.17 22.01 27.51
CA LEU A 38 -3.27 21.16 27.95
C LEU A 38 -2.76 20.03 28.83
N ASN A 39 -1.64 19.41 28.46
CA ASN A 39 -1.04 18.38 29.31
C ASN A 39 -0.60 18.95 30.66
N ALA A 40 -0.23 20.24 30.68
CA ALA A 40 0.12 20.89 31.94
C ALA A 40 -1.04 20.88 32.93
N GLU A 41 -2.29 20.92 32.45
CA GLU A 41 -3.43 20.89 33.36
C GLU A 41 -4.01 19.49 33.55
N SER A 45 -3.01 12.99 28.97
CA SER A 45 -2.11 12.17 28.15
C SER A 45 -1.92 12.77 26.76
N ARG A 46 -0.73 12.61 26.19
CA ARG A 46 -0.50 13.16 24.85
C ARG A 46 -1.40 12.49 23.82
N ALA A 47 -1.57 11.16 23.92
CA ALA A 47 -2.53 10.48 23.06
C ALA A 47 -3.95 11.01 23.29
N GLU A 48 -4.32 11.22 24.56
CA GLU A 48 -5.67 11.70 24.87
C GLU A 48 -5.93 13.06 24.25
N ILE A 49 -4.90 13.91 24.16
CA ILE A 49 -5.07 15.19 23.47
C ILE A 49 -5.21 14.96 21.96
N ALA A 50 -4.33 14.12 21.39
CA ALA A 50 -4.31 13.93 19.94
C ALA A 50 -5.62 13.39 19.39
N MET A 51 -6.42 12.71 20.22
CA MET A 51 -7.73 12.27 19.74
C MET A 51 -8.60 13.45 19.28
N ALA A 52 -8.46 14.62 19.91
CA ALA A 52 -9.18 15.81 19.45
C ALA A 52 -8.78 16.20 18.04
N PHE A 53 -7.47 16.18 17.74
CA PHE A 53 -7.04 16.46 16.38
C PHE A 53 -7.52 15.38 15.40
N ALA A 54 -7.60 14.13 15.87
CA ALA A 54 -8.12 13.05 15.04
C ALA A 54 -9.58 13.31 14.63
N ILE A 55 -10.42 13.64 15.61
CA ILE A 55 -11.80 13.99 15.31
C ILE A 55 -11.86 15.22 14.39
N CYS A 56 -10.97 16.19 14.60
CA CYS A 56 -10.96 17.37 13.75
C CYS A 56 -10.72 17.00 12.31
N CYS A 57 -9.71 16.17 12.06
CA CYS A 57 -9.44 15.71 10.70
C CYS A 57 -10.61 14.91 10.11
N LEU A 58 -11.23 14.01 10.90
CA LEU A 58 -12.35 13.24 10.35
C LEU A 58 -13.56 14.13 10.00
N ILE A 59 -14.00 14.98 10.94
CA ILE A 59 -15.18 15.82 10.69
C ILE A 59 -14.93 16.80 9.55
N PHE A 60 -13.80 17.49 9.57
CA PHE A 60 -13.41 18.35 8.45
C PHE A 60 -13.49 17.61 7.10
N GLY A 61 -12.79 16.47 6.99
CA GLY A 61 -12.73 15.77 5.72
C GLY A 61 -14.08 15.23 5.27
N LEU A 62 -14.94 14.84 6.21
CA LEU A 62 -16.26 14.40 5.74
C LEU A 62 -17.13 15.59 5.37
N MET A 63 -17.14 16.65 6.19
CA MET A 63 -18.02 17.79 5.98
C MET A 63 -17.71 18.56 4.72
N THR A 64 -16.52 18.40 4.12
CA THR A 64 -16.34 19.03 2.81
C THR A 64 -17.42 18.56 1.82
N PHE A 65 -17.75 17.26 1.84
CA PHE A 65 -18.80 16.72 0.98
C PHE A 65 -20.12 17.51 1.11
N PRO A 66 -20.79 17.56 2.28
CA PRO A 66 -21.99 18.42 2.35
C PRO A 66 -21.70 19.87 2.05
N ALA A 67 -20.54 20.40 2.46
CA ALA A 67 -20.17 21.77 2.13
C ALA A 67 -20.12 21.96 0.61
N GLY A 68 -19.60 20.97 -0.11
CA GLY A 68 -19.53 21.09 -1.55
C GLY A 68 -20.90 21.03 -2.21
N ARG A 69 -21.74 20.10 -1.74
CA ARG A 69 -23.09 20.03 -2.31
C ARG A 69 -23.86 21.31 -2.02
N LEU A 70 -23.76 21.82 -0.79
CA LEU A 70 -24.45 23.07 -0.45
C LEU A 70 -23.87 24.24 -1.24
N SER A 71 -22.55 24.31 -1.42
CA SER A 71 -22.01 25.37 -2.26
C SER A 71 -22.56 25.30 -3.68
N ASP A 72 -22.61 24.10 -4.26
CA ASP A 72 -23.14 24.01 -5.62
C ASP A 72 -24.61 24.39 -5.67
N LYS A 73 -25.37 24.08 -4.62
CA LYS A 73 -26.82 24.31 -4.64
C LYS A 73 -27.18 25.75 -4.31
N MET A 74 -26.73 26.24 -3.15
CA MET A 74 -27.09 27.56 -2.63
C MET A 74 -25.94 28.55 -2.61
N GLY A 75 -24.87 28.30 -3.36
CA GLY A 75 -23.76 29.22 -3.44
C GLY A 75 -22.74 29.10 -2.33
N PRO A 76 -21.53 29.59 -2.59
CA PRO A 76 -20.45 29.42 -1.62
C PRO A 76 -20.45 30.44 -0.49
N ARG A 77 -21.05 31.61 -0.69
CA ARG A 77 -21.03 32.64 0.35
C ARG A 77 -21.66 32.13 1.64
N LYS A 78 -22.89 31.59 1.53
CA LYS A 78 -23.62 31.07 2.69
C LYS A 78 -22.83 30.00 3.43
N VAL A 79 -22.18 29.10 2.69
CA VAL A 79 -21.46 27.99 3.31
C VAL A 79 -20.22 28.48 4.02
N VAL A 80 -19.39 29.28 3.34
CA VAL A 80 -18.19 29.80 3.99
C VAL A 80 -18.57 30.60 5.24
N MET A 81 -19.69 31.32 5.19
CA MET A 81 -20.02 32.13 6.36
C MET A 81 -20.56 31.29 7.52
N THR A 82 -21.44 30.33 7.23
CA THR A 82 -21.82 29.36 8.26
C THR A 82 -20.59 28.69 8.85
N GLY A 83 -19.66 28.28 8.01
CA GLY A 83 -18.46 27.63 8.50
C GLY A 83 -17.65 28.55 9.38
N GLY A 84 -17.59 29.84 9.02
CA GLY A 84 -16.88 30.79 9.85
C GLY A 84 -17.50 30.94 11.23
N VAL A 85 -18.83 31.05 11.28
CA VAL A 85 -19.50 31.15 12.57
C VAL A 85 -19.28 29.89 13.39
N LEU A 86 -19.41 28.72 12.74
CA LEU A 86 -19.24 27.46 13.45
C LEU A 86 -17.82 27.30 13.98
N LEU A 87 -16.81 27.62 13.17
CA LEU A 87 -15.44 27.48 13.63
C LEU A 87 -15.11 28.50 14.71
N ALA A 88 -15.60 29.73 14.56
CA ALA A 88 -15.38 30.73 15.59
C ALA A 88 -15.92 30.24 16.92
N ILE A 89 -17.19 29.79 16.92
CA ILE A 89 -17.79 29.19 18.10
C ILE A 89 -16.95 28.02 18.59
N GLY A 90 -16.44 27.21 17.66
CA GLY A 90 -15.66 26.06 18.06
C GLY A 90 -14.44 26.44 18.88
N PHE A 91 -13.64 27.39 18.38
CA PHE A 91 -12.43 27.83 19.08
C PHE A 91 -12.78 28.57 20.38
N ILE A 92 -13.72 29.50 20.31
CA ILE A 92 -14.07 30.30 21.48
C ILE A 92 -14.61 29.41 22.59
N LEU A 93 -15.44 28.44 22.24
CA LEU A 93 -15.91 27.49 23.25
C LEU A 93 -14.81 26.55 23.68
N SER A 94 -13.87 26.23 22.78
CA SER A 94 -12.72 25.42 23.17
C SER A 94 -11.91 26.10 24.26
N GLY A 95 -11.95 27.43 24.32
CA GLY A 95 -11.26 28.13 25.40
C GLY A 95 -11.85 27.92 26.79
N PHE A 96 -13.18 27.72 26.88
CA PHE A 96 -13.89 27.59 28.17
C PHE A 96 -14.18 26.13 28.50
N ILE A 97 -13.16 25.28 28.39
CA ILE A 97 -13.31 23.83 28.52
C ILE A 97 -12.79 23.36 29.88
N GLN A 98 -13.25 22.17 30.28
CA GLN A 98 -12.74 21.53 31.49
C GLN A 98 -12.39 20.05 31.33
N SER A 99 -13.01 19.35 30.38
CA SER A 99 -12.84 17.91 30.23
C SER A 99 -12.20 17.57 28.88
N LYS A 100 -11.86 16.30 28.72
CA LYS A 100 -11.38 15.83 27.42
C LYS A 100 -12.53 15.80 26.41
N TYR A 101 -13.67 15.20 26.79
CA TYR A 101 -14.82 15.14 25.88
C TYR A 101 -15.27 16.54 25.51
N GLN A 102 -15.12 17.49 26.43
CA GLN A 102 -15.41 18.90 26.14
C GLN A 102 -14.55 19.39 24.97
N LEU A 103 -13.24 19.07 25.01
CA LEU A 103 -12.35 19.48 23.92
C LEU A 103 -12.68 18.73 22.64
N TYR A 104 -12.94 17.42 22.72
CA TYR A 104 -13.32 16.67 21.54
C TYR A 104 -14.48 17.36 20.84
N ILE A 105 -15.51 17.70 21.61
CA ILE A 105 -16.69 18.30 21.00
C ILE A 105 -16.35 19.66 20.41
N THR A 106 -15.80 20.56 21.23
CA THR A 106 -15.57 21.95 20.83
C THR A 106 -14.64 22.05 19.63
N TYR A 107 -13.48 21.39 19.70
CA TYR A 107 -12.46 21.44 18.66
C TYR A 107 -12.69 20.40 17.56
N GLY A 108 -12.80 19.13 17.93
CA GLY A 108 -12.92 18.09 16.91
C GLY A 108 -14.17 18.26 16.07
N VAL A 109 -15.34 18.46 16.71
CA VAL A 109 -16.59 18.38 15.96
C VAL A 109 -17.01 19.76 15.44
N ILE A 110 -17.26 20.71 16.35
CA ILE A 110 -17.73 22.03 15.94
C ILE A 110 -16.71 22.69 15.01
N ALA A 111 -15.46 22.79 15.48
CA ALA A 111 -14.44 23.47 14.71
C ALA A 111 -14.18 22.75 13.39
N GLY A 112 -14.09 21.42 13.41
CA GLY A 112 -13.86 20.68 12.17
C GLY A 112 -14.98 20.88 11.16
N PHE A 113 -16.21 20.87 11.64
CA PHE A 113 -17.37 21.15 10.80
C PHE A 113 -17.23 22.52 10.13
N GLY A 114 -17.02 23.57 10.95
CA GLY A 114 -16.91 24.92 10.42
C GLY A 114 -15.71 25.09 9.49
N GLY A 115 -14.58 24.48 9.84
CA GLY A 115 -13.40 24.58 9.01
C GLY A 115 -13.56 23.91 7.67
N GLY A 116 -14.21 22.75 7.63
CA GLY A 116 -14.44 22.09 6.36
C GLY A 116 -15.32 22.92 5.44
N MET A 117 -16.38 23.50 6.01
CA MET A 117 -17.26 24.37 5.24
C MET A 117 -16.54 25.63 4.75
N ILE A 118 -15.54 26.11 5.49
CA ILE A 118 -14.70 27.18 4.96
C ILE A 118 -13.79 26.67 3.84
N TYR A 119 -13.22 25.49 4.02
CA TYR A 119 -12.13 25.03 3.18
C TYR A 119 -12.59 24.76 1.75
N LEU A 120 -13.74 24.08 1.59
CA LEU A 120 -14.07 23.59 0.25
C LEU A 120 -14.54 24.64 -0.76
N PRO A 121 -15.47 25.55 -0.41
CA PRO A 121 -16.10 26.38 -1.45
C PRO A 121 -15.12 27.27 -2.21
N PRO A 122 -14.07 27.84 -1.58
CA PRO A 122 -13.10 28.60 -2.40
C PRO A 122 -12.33 27.73 -3.37
N ILE A 123 -11.93 26.52 -2.96
CA ILE A 123 -11.29 25.61 -3.89
C ILE A 123 -12.18 25.41 -5.11
N ALA A 124 -13.50 25.27 -4.90
CA ALA A 124 -14.37 25.10 -6.06
C ALA A 124 -14.56 26.40 -6.85
N THR A 125 -14.59 27.54 -6.17
CA THR A 125 -15.01 28.82 -6.75
C THR A 125 -13.89 29.55 -7.48
N ALA A 126 -12.70 29.62 -6.88
CA ALA A 126 -11.59 30.43 -7.40
C ALA A 126 -11.26 30.09 -8.86
N PRO A 127 -11.03 28.82 -9.24
CA PRO A 127 -10.72 28.54 -10.65
C PRO A 127 -11.77 29.01 -11.63
N LYS A 128 -13.06 28.97 -11.26
CA LYS A 128 -14.09 29.47 -12.16
C LYS A 128 -13.74 30.87 -12.69
N TRP A 129 -12.96 31.62 -11.93
CA TRP A 129 -12.51 32.94 -12.35
C TRP A 129 -11.26 32.89 -13.19
N TRP A 130 -10.54 31.78 -13.16
CA TRP A 130 -9.28 31.64 -13.88
C TRP A 130 -9.31 30.41 -14.75
N PRO A 131 -10.22 30.36 -15.74
CA PRO A 131 -10.20 29.24 -16.69
C PRO A 131 -8.86 29.13 -17.40
N ASP A 132 -8.12 30.25 -17.50
CA ASP A 132 -6.75 30.26 -18.02
C ASP A 132 -5.73 29.74 -17.04
N ARG A 133 -6.00 29.76 -15.72
CA ARG A 133 -5.02 29.35 -14.73
C ARG A 133 -5.71 28.58 -13.58
N ARG A 134 -6.29 27.41 -13.91
CA ARG A 134 -7.11 26.68 -12.92
C ARG A 134 -6.28 26.19 -11.74
N ALA A 135 -5.13 25.55 -12.00
CA ALA A 135 -4.35 24.99 -10.91
C ALA A 135 -3.81 26.09 -9.98
N LEU A 136 -3.27 27.17 -10.55
CA LEU A 136 -2.79 28.25 -9.69
C LEU A 136 -3.90 28.80 -8.79
N ALA A 137 -5.11 28.99 -9.35
CA ALA A 137 -6.22 29.49 -8.53
C ALA A 137 -6.57 28.52 -7.41
N THR A 138 -6.67 27.23 -7.73
CA THR A 138 -6.81 26.20 -6.70
C THR A 138 -5.76 26.37 -5.62
N GLY A 139 -4.50 26.55 -6.06
CA GLY A 139 -3.41 26.69 -5.12
C GLY A 139 -3.62 27.85 -4.17
N PHE A 140 -4.11 28.98 -4.68
CA PHE A 140 -4.37 30.08 -3.74
C PHE A 140 -5.48 29.70 -2.77
N ALA A 141 -6.43 28.87 -3.22
CA ALA A 141 -7.51 28.45 -2.30
C ALA A 141 -7.02 27.44 -1.27
N VAL A 142 -5.87 26.82 -1.48
CA VAL A 142 -5.37 25.80 -0.56
C VAL A 142 -4.05 26.16 0.09
N VAL A 143 -3.44 27.30 -0.26
CA VAL A 143 -2.10 27.57 0.22
C VAL A 143 -2.09 28.03 1.67
N GLY A 144 -3.22 28.51 2.18
CA GLY A 144 -3.27 28.99 3.56
C GLY A 144 -2.98 27.90 4.57
N LEU A 145 -3.16 26.64 4.17
CA LEU A 145 -2.97 25.54 5.09
C LEU A 145 -1.51 25.28 5.43
N GLY A 146 -0.57 25.81 4.66
CA GLY A 146 0.83 25.76 5.01
C GLY A 146 1.35 27.05 5.61
N LEU A 147 0.45 27.98 5.92
CA LEU A 147 0.76 29.29 6.45
C LEU A 147 0.36 29.45 7.90
N GLY A 148 -0.38 28.50 8.45
CA GLY A 148 -0.83 28.64 9.83
C GLY A 148 0.31 28.88 10.79
N SER A 149 1.42 28.16 10.60
CA SER A 149 2.59 28.31 11.47
C SER A 149 3.17 29.71 11.37
N PHE A 150 3.50 30.15 10.14
CA PHE A 150 4.22 31.42 9.96
C PHE A 150 3.44 32.61 10.52
N LEU A 151 2.11 32.53 10.60
CA LEU A 151 1.31 33.61 11.18
C LEU A 151 1.03 33.40 12.66
N MET A 152 0.51 32.23 13.03
CA MET A 152 0.02 32.00 14.39
C MET A 152 1.14 31.67 15.37
N GLY A 153 2.15 30.94 14.94
CA GLY A 153 3.12 30.33 15.84
C GLY A 153 3.81 31.25 16.82
N PRO A 154 4.54 32.25 16.30
CA PRO A 154 5.22 33.18 17.22
C PRO A 154 4.27 33.85 18.21
N LEU A 155 3.13 34.37 17.75
CA LEU A 155 2.14 34.98 18.64
C LEU A 155 1.58 33.95 19.63
N ALA A 156 1.33 32.72 19.16
CA ALA A 156 0.90 31.64 20.04
C ALA A 156 1.86 31.48 21.20
N THR A 157 3.15 31.28 20.90
CA THR A 157 4.18 31.18 21.93
C THR A 157 4.18 32.40 22.83
N TYR A 158 4.00 33.59 22.24
CA TYR A 158 3.98 34.82 23.02
C TYR A 158 2.91 34.78 24.11
N ILE A 159 1.66 34.50 23.72
CA ILE A 159 0.52 34.48 24.65
C ILE A 159 0.58 33.31 25.61
N ILE A 160 1.23 32.21 25.22
CA ILE A 160 1.35 31.11 26.16
C ILE A 160 2.39 31.45 27.23
N GLU A 161 3.44 32.18 26.87
CA GLU A 161 4.52 32.46 27.82
C GLU A 161 4.39 33.85 28.45
N TRP A 167 -3.18 29.43 28.04
CA TRP A 167 -3.47 28.85 26.74
C TRP A 167 -4.90 29.14 26.29
N ARG A 168 -5.82 29.23 27.27
CA ARG A 168 -7.21 29.58 26.96
C ARG A 168 -7.29 30.84 26.10
N TYR A 169 -6.42 31.81 26.38
CA TYR A 169 -6.39 33.06 25.61
C TYR A 169 -6.12 32.81 24.13
N VAL A 170 -5.23 31.86 23.80
CA VAL A 170 -4.97 31.58 22.38
C VAL A 170 -6.22 31.06 21.69
N PHE A 171 -6.94 30.12 22.32
CA PHE A 171 -8.22 29.66 21.78
C PHE A 171 -9.16 30.84 21.53
N TRP A 172 -9.44 31.62 22.58
CA TRP A 172 -10.42 32.71 22.47
C TRP A 172 -10.02 33.73 21.41
N TYR A 173 -8.79 34.22 21.47
CA TYR A 173 -8.37 35.30 20.57
C TYR A 173 -8.19 34.81 19.13
N CYS A 174 -7.47 33.70 18.93
CA CYS A 174 -7.38 33.17 17.57
C CYS A 174 -8.76 32.86 17.01
N GLY A 175 -9.66 32.29 17.82
CA GLY A 175 -11.00 32.00 17.36
C GLY A 175 -11.73 33.22 16.84
N VAL A 176 -11.63 34.34 17.56
CA VAL A 176 -12.24 35.57 17.07
C VAL A 176 -11.61 35.96 15.73
N ALA A 177 -10.27 35.93 15.65
CA ALA A 177 -9.59 36.34 14.42
C ALA A 177 -9.99 35.48 13.24
N MET A 178 -10.12 34.16 13.46
CA MET A 178 -10.52 33.25 12.40
C MET A 178 -11.96 33.47 11.99
N GLY A 179 -12.86 33.61 12.97
CA GLY A 179 -14.23 33.95 12.64
C GLY A 179 -14.31 35.15 11.72
N ILE A 180 -13.52 36.18 12.04
CA ILE A 180 -13.58 37.40 11.22
C ILE A 180 -13.02 37.14 9.82
N MET A 181 -11.89 36.44 9.72
CA MET A 181 -11.29 36.19 8.41
C MET A 181 -12.20 35.35 7.55
N ALA A 182 -12.85 34.33 8.13
CA ALA A 182 -13.73 33.47 7.35
C ALA A 182 -14.99 34.21 6.95
N LEU A 183 -15.52 35.07 7.83
CA LEU A 183 -16.69 35.84 7.46
C LEU A 183 -16.38 36.82 6.33
N ILE A 184 -15.20 37.42 6.35
CA ILE A 184 -14.80 38.29 5.23
C ILE A 184 -14.60 37.47 3.95
N ALA A 185 -13.85 36.36 4.05
CA ALA A 185 -13.56 35.52 2.88
C ALA A 185 -14.84 35.00 2.24
N GLY A 186 -15.81 34.58 3.06
CA GLY A 186 -17.11 34.17 2.54
C GLY A 186 -18.01 35.32 2.13
N ALA A 187 -17.83 36.49 2.73
CA ALA A 187 -18.72 37.61 2.46
C ALA A 187 -18.71 37.99 0.99
N PHE A 188 -17.51 38.10 0.41
CA PHE A 188 -17.33 38.58 -0.95
C PHE A 188 -17.13 37.46 -1.96
N LEU A 189 -17.54 36.25 -1.64
CA LEU A 189 -17.20 35.08 -2.45
C LEU A 189 -18.41 34.61 -3.25
N GLU A 190 -18.21 34.44 -4.56
CA GLU A 190 -19.25 33.96 -5.45
C GLU A 190 -18.67 33.68 -6.83
N PRO A 191 -19.26 32.77 -7.61
CA PRO A 191 -18.71 32.46 -8.93
C PRO A 191 -18.86 33.65 -9.86
N PRO A 192 -18.35 33.58 -11.08
CA PRO A 192 -18.64 34.64 -12.06
C PRO A 192 -20.10 34.59 -12.48
N PRO A 193 -20.67 35.69 -12.96
CA PRO A 193 -22.06 35.65 -13.40
C PRO A 193 -22.24 34.69 -14.57
N ALA A 194 -23.44 34.11 -14.64
CA ALA A 194 -23.67 32.92 -15.45
C ALA A 194 -23.23 33.12 -16.89
N GLY A 195 -23.51 34.30 -17.44
CA GLY A 195 -23.18 34.57 -18.82
C GLY A 195 -21.71 34.75 -19.11
N TRP A 196 -21.18 35.92 -18.73
CA TRP A 196 -19.88 36.34 -19.22
C TRP A 196 -18.74 35.73 -18.41
N LYS A 197 -17.80 35.13 -19.13
CA LYS A 197 -16.61 34.58 -18.53
C LYS A 197 -15.50 35.63 -18.59
N PRO A 198 -14.94 36.04 -17.43
CA PRO A 198 -13.82 37.00 -17.42
C PRO A 198 -12.71 36.69 -18.43
N ALA A 199 -12.61 37.52 -19.46
CA ALA A 199 -11.60 37.35 -20.51
C ALA A 199 -10.89 38.67 -20.80
N GLY A 200 -9.76 38.54 -21.47
CA GLY A 200 -9.03 39.67 -22.01
C GLY A 200 -8.93 39.56 -23.51
N ALA A 211 -21.78 23.23 -40.84
CA ALA A 211 -23.13 23.19 -40.30
C ALA A 211 -23.11 23.09 -38.76
N ALA A 212 -23.91 22.20 -38.21
CA ALA A 212 -24.20 22.23 -36.78
C ALA A 212 -22.98 21.87 -35.95
N PRO A 213 -22.72 22.61 -34.87
CA PRO A 213 -21.59 22.29 -33.99
C PRO A 213 -21.73 20.94 -33.29
N LYS A 214 -20.79 20.64 -32.39
CA LYS A 214 -20.79 19.45 -31.53
C LYS A 214 -20.54 19.94 -30.11
N VAL A 215 -21.59 20.35 -29.42
CA VAL A 215 -21.49 20.98 -28.11
C VAL A 215 -21.22 19.94 -27.03
N THR A 216 -20.11 20.09 -26.29
CA THR A 216 -19.81 19.23 -25.14
C THR A 216 -20.24 19.93 -23.84
N ARG A 217 -20.03 19.27 -22.70
CA ARG A 217 -20.49 19.83 -21.43
C ARG A 217 -19.80 19.12 -20.28
N ASP A 218 -19.76 19.81 -19.15
CA ASP A 218 -19.14 19.26 -17.95
C ASP A 218 -19.95 18.11 -17.39
N TRP A 219 -19.27 17.23 -16.66
CA TRP A 219 -19.95 16.12 -16.01
C TRP A 219 -20.81 16.60 -14.84
N THR A 220 -22.00 16.02 -14.73
CA THR A 220 -22.82 16.13 -13.52
C THR A 220 -22.17 15.39 -12.36
N TYR A 221 -22.64 15.68 -11.14
CA TYR A 221 -22.11 14.98 -9.97
C TYR A 221 -22.49 13.50 -9.98
N GLU A 222 -23.75 13.17 -10.29
CA GLU A 222 -24.11 11.75 -10.34
C GLU A 222 -23.30 11.02 -11.40
N GLU A 223 -22.93 11.71 -12.49
CA GLU A 223 -22.14 11.06 -13.55
C GLU A 223 -20.70 10.84 -13.12
N ALA A 224 -20.10 11.83 -12.46
CA ALA A 224 -18.72 11.69 -12.00
C ALA A 224 -18.60 10.69 -10.85
N LYS A 225 -19.50 10.80 -9.85
CA LYS A 225 -19.53 9.88 -8.72
C LYS A 225 -19.64 8.43 -9.17
N GLY A 226 -20.30 8.17 -10.29
CA GLY A 226 -20.43 6.84 -10.80
C GLY A 226 -19.33 6.43 -11.75
N ASP A 227 -18.40 7.33 -12.04
CA ASP A 227 -17.26 7.04 -12.92
C ASP A 227 -16.16 6.31 -12.17
N THR A 228 -15.53 5.35 -12.85
CA THR A 228 -14.48 4.56 -12.22
C THR A 228 -13.23 5.38 -12.00
N LYS A 229 -12.89 6.25 -12.94
CA LYS A 229 -11.69 7.07 -12.79
C LYS A 229 -11.77 7.92 -11.51
N PHE A 230 -12.97 8.39 -11.16
CA PHE A 230 -13.15 9.11 -9.90
C PHE A 230 -12.69 8.27 -8.73
N TRP A 231 -13.06 6.98 -8.72
CA TRP A 231 -12.66 6.16 -7.58
C TRP A 231 -11.20 5.73 -7.65
N LEU A 232 -10.61 5.62 -8.83
CA LEU A 232 -9.16 5.42 -8.87
C LEU A 232 -8.44 6.62 -8.27
N LEU A 233 -8.88 7.83 -8.62
CA LEU A 233 -8.28 9.02 -8.01
C LEU A 233 -8.53 9.05 -6.51
N TYR A 234 -9.75 8.71 -6.10
CA TYR A 234 -10.07 8.59 -4.69
C TYR A 234 -9.06 7.70 -3.98
N LEU A 235 -8.82 6.52 -4.56
CA LEU A 235 -7.86 5.59 -3.97
C LEU A 235 -6.47 6.19 -3.93
N ALA A 236 -6.07 6.90 -4.98
CA ALA A 236 -4.72 7.48 -5.01
C ALA A 236 -4.58 8.59 -3.98
N TYR A 237 -5.62 9.39 -3.81
CA TYR A 237 -5.67 10.41 -2.76
C TYR A 237 -5.54 9.78 -1.38
N PHE A 238 -6.30 8.70 -1.14
CA PHE A 238 -6.18 8.01 0.14
C PHE A 238 -4.77 7.51 0.37
N CYS A 239 -4.17 6.84 -0.64
CA CYS A 239 -2.80 6.37 -0.49
C CYS A 239 -1.82 7.52 -0.18
N GLY A 240 -1.82 8.57 -0.98
CA GLY A 240 -0.84 9.62 -0.75
C GLY A 240 -1.02 10.29 0.60
N SER A 241 -2.24 10.72 0.90
CA SER A 241 -2.55 11.31 2.18
C SER A 241 -2.16 10.41 3.34
N PHE A 242 -2.52 9.11 3.25
CA PHE A 242 -2.27 8.19 4.34
C PHE A 242 -0.77 8.03 4.58
N ALA A 243 0.01 7.89 3.51
CA ALA A 243 1.47 7.78 3.63
C ALA A 243 2.07 9.02 4.30
N GLY A 244 1.74 10.20 3.78
CA GLY A 244 2.29 11.43 4.34
C GLY A 244 1.96 11.57 5.80
N LEU A 245 0.69 11.37 6.17
CA LEU A 245 0.29 11.55 7.57
C LEU A 245 0.85 10.46 8.47
N MET A 246 1.13 9.29 7.91
CA MET A 246 1.69 8.19 8.72
C MET A 246 3.17 8.38 9.03
N VAL A 247 3.92 9.10 8.19
CA VAL A 247 5.35 9.25 8.44
C VAL A 247 5.75 10.64 8.90
N ILE A 248 5.00 11.69 8.52
CA ILE A 248 5.48 13.05 8.78
C ILE A 248 5.72 13.25 10.25
N GLY A 249 4.79 12.76 11.08
CA GLY A 249 5.02 12.90 12.49
C GLY A 249 6.22 12.13 12.98
N HIS A 250 6.74 11.19 12.19
CA HIS A 250 7.89 10.42 12.63
C HIS A 250 9.25 10.93 12.16
N LEU A 251 9.31 11.80 11.15
CA LEU A 251 10.62 12.27 10.67
C LEU A 251 11.61 12.61 11.82
N ALA A 252 11.23 13.50 12.74
CA ALA A 252 12.20 13.94 13.79
C ALA A 252 12.62 12.80 14.70
N GLY A 253 11.71 11.91 15.05
CA GLY A 253 12.12 10.76 15.84
C GLY A 253 13.02 9.83 15.05
N PHE A 254 12.84 9.76 13.74
CA PHE A 254 13.80 9.03 12.94
C PHE A 254 15.19 9.61 13.14
N GLY A 255 15.29 10.92 12.98
CA GLY A 255 16.57 11.59 13.22
C GLY A 255 17.13 11.32 14.61
N ARG A 256 16.32 11.47 15.66
CA ARG A 256 16.89 11.21 16.99
C ARG A 256 17.29 9.75 17.13
N ASP A 257 16.55 8.84 16.50
CA ASP A 257 16.99 7.44 16.59
C ASP A 257 18.34 7.25 15.90
N ALA A 258 18.63 8.02 14.86
CA ALA A 258 19.91 7.88 14.18
C ALA A 258 21.08 8.57 14.86
N GLY A 259 20.86 9.22 16.00
CA GLY A 259 21.96 9.87 16.70
C GLY A 259 21.86 11.38 16.76
N LEU A 260 20.94 12.01 16.02
CA LEU A 260 20.84 13.45 16.12
C LEU A 260 20.26 13.89 17.45
N THR A 261 20.65 15.10 17.87
CA THR A 261 19.98 15.76 18.98
C THR A 261 18.53 16.09 18.60
N ALA A 262 17.69 16.19 19.63
CA ALA A 262 16.32 16.64 19.43
C ALA A 262 16.25 17.96 18.69
N MET A 263 17.04 18.93 19.14
CA MET A 263 17.07 20.25 18.50
C MET A 263 17.55 20.16 17.04
N ALA A 264 18.58 19.35 16.76
CA ALA A 264 19.10 19.26 15.40
C ALA A 264 18.12 18.55 14.49
N ALA A 265 17.58 17.41 14.93
CA ALA A 265 16.54 16.74 14.14
C ALA A 265 15.33 17.64 13.91
N ALA A 266 14.93 18.39 14.93
CA ALA A 266 13.77 19.27 14.81
C ALA A 266 14.05 20.39 13.81
N GLY A 267 15.20 21.05 13.94
CA GLY A 267 15.57 22.03 12.94
C GLY A 267 15.49 21.46 11.55
N ALA A 268 16.07 20.27 11.35
CA ALA A 268 16.11 19.67 10.02
C ALA A 268 14.71 19.43 9.47
N VAL A 269 13.84 18.78 10.25
CA VAL A 269 12.50 18.49 9.71
C VAL A 269 11.68 19.77 9.50
N SER A 270 12.03 20.87 10.17
CA SER A 270 11.20 22.05 10.02
C SER A 270 11.19 22.62 8.60
N SER A 271 12.15 22.27 7.75
CA SER A 271 12.13 22.83 6.41
C SER A 271 10.92 22.34 5.64
N LEU A 272 10.33 21.25 6.12
CA LEU A 272 9.16 20.68 5.45
C LEU A 272 8.03 21.70 5.31
N ALA A 273 7.88 22.62 6.28
CA ALA A 273 6.78 23.59 6.24
C ALA A 273 6.92 24.52 5.03
N PHE A 274 8.13 25.05 4.84
CA PHE A 274 8.43 25.86 3.65
C PHE A 274 8.06 25.12 2.38
N SER A 275 8.49 23.85 2.24
CA SER A 275 8.25 23.25 0.94
C SER A 275 6.76 22.95 0.76
N ASN A 276 6.10 22.51 1.85
CA ASN A 276 4.67 22.23 1.81
C ASN A 276 3.85 23.45 1.42
N ALA A 277 4.23 24.63 1.90
CA ALA A 277 3.49 25.83 1.52
C ALA A 277 3.78 26.23 0.08
N ALA A 278 5.07 26.31 -0.28
CA ALA A 278 5.46 26.75 -1.62
C ALA A 278 4.89 25.84 -2.73
N THR A 279 4.82 24.52 -2.49
CA THR A 279 4.40 23.63 -3.57
C THR A 279 2.98 23.92 -4.01
N ARG A 280 2.15 24.39 -3.09
CA ARG A 280 0.74 24.58 -3.43
C ARG A 280 0.57 25.61 -4.55
N ILE A 281 1.40 26.65 -4.55
CA ILE A 281 1.38 27.64 -5.62
C ILE A 281 2.22 27.17 -6.81
N LEU A 282 3.44 26.71 -6.53
CA LEU A 282 4.39 26.42 -7.59
C LEU A 282 3.91 25.27 -8.47
N SER A 283 3.49 24.14 -7.88
CA SER A 283 2.99 23.03 -8.69
C SER A 283 1.81 23.46 -9.51
N GLY A 284 0.89 24.23 -8.92
CA GLY A 284 -0.23 24.74 -9.69
C GLY A 284 0.24 25.47 -10.93
N TRP A 285 1.16 26.41 -10.74
CA TRP A 285 1.69 27.17 -11.87
C TRP A 285 2.33 26.23 -12.91
N PHE A 286 3.12 25.28 -12.43
CA PHE A 286 3.85 24.40 -13.31
C PHE A 286 2.90 23.57 -14.17
N VAL A 287 1.92 22.90 -13.53
CA VAL A 287 1.00 22.06 -14.30
C VAL A 287 0.08 22.91 -15.17
N ASP A 288 -0.22 24.15 -14.78
CA ASP A 288 -0.90 25.02 -15.73
C ASP A 288 -0.09 25.17 -17.01
N LYS A 289 1.23 25.34 -16.88
CA LYS A 289 1.99 25.54 -18.11
C LYS A 289 2.24 24.25 -18.89
N ILE A 290 2.33 23.09 -18.24
CA ILE A 290 2.76 21.87 -18.92
C ILE A 290 1.80 20.70 -18.78
N GLY A 291 0.73 20.80 -17.99
CA GLY A 291 -0.10 19.63 -17.80
C GLY A 291 0.16 18.93 -16.46
N ILE A 292 -0.82 18.14 -16.03
CA ILE A 292 -0.82 17.65 -14.66
C ILE A 292 -0.17 16.27 -14.54
N ARG A 293 -0.59 15.33 -15.40
CA ARG A 293 -0.51 13.91 -15.05
C ARG A 293 0.91 13.46 -14.78
N VAL A 294 1.84 13.74 -15.69
CA VAL A 294 3.19 13.23 -15.52
C VAL A 294 3.90 13.90 -14.35
N TYR A 295 3.74 15.23 -14.20
CA TYR A 295 4.34 15.91 -13.05
C TYR A 295 3.84 15.31 -11.75
N PHE A 296 2.54 15.12 -11.68
CA PHE A 296 1.89 14.58 -10.49
C PHE A 296 2.40 13.16 -10.20
N ALA A 297 2.47 12.33 -11.25
CA ALA A 297 3.00 10.98 -11.09
C ALA A 297 4.46 11.04 -10.68
N ALA A 298 5.19 12.04 -11.17
CA ALA A 298 6.58 12.21 -10.80
C ALA A 298 6.72 12.54 -9.33
N LEU A 299 5.89 13.47 -8.83
CA LEU A 299 5.84 13.81 -7.41
C LEU A 299 5.53 12.58 -6.54
N PHE A 300 4.57 11.77 -6.97
CA PHE A 300 4.29 10.52 -6.23
C PHE A 300 5.51 9.61 -6.23
N ALA A 301 6.12 9.41 -7.41
CA ALA A 301 7.30 8.56 -7.46
C ALA A 301 8.39 9.08 -6.54
N LEU A 302 8.57 10.40 -6.52
CA LEU A 302 9.61 10.98 -5.68
C LEU A 302 9.31 10.76 -4.20
N GLN A 303 8.03 10.85 -3.83
CA GLN A 303 7.60 10.56 -2.46
C GLN A 303 7.89 9.10 -2.07
N THR A 304 7.61 8.16 -2.98
CA THR A 304 7.98 6.74 -2.79
C THR A 304 9.49 6.59 -2.55
N ALA A 305 10.29 7.22 -3.43
CA ALA A 305 11.73 7.23 -3.24
C ALA A 305 12.14 7.83 -1.89
N ALA A 306 11.43 8.86 -1.42
CA ALA A 306 11.80 9.47 -0.13
C ALA A 306 11.52 8.51 1.01
N MET A 307 10.38 7.82 0.97
CA MET A 307 10.13 6.84 2.02
C MET A 307 11.22 5.79 2.07
N ILE A 308 11.79 5.41 0.92
CA ILE A 308 12.91 4.44 1.00
C ILE A 308 14.23 5.13 1.33
N ALA A 309 14.44 6.36 0.82
CA ALA A 309 15.75 6.99 0.92
C ALA A 309 16.04 7.45 2.33
N ILE A 310 15.02 7.75 3.13
CA ILE A 310 15.27 8.18 4.51
C ILE A 310 16.17 7.20 5.24
N PHE A 311 16.08 5.91 4.91
CA PHE A 311 16.97 4.99 5.63
C PHE A 311 18.43 5.23 5.29
N GLN A 312 18.71 5.96 4.21
CA GLN A 312 20.11 6.29 3.88
C GLN A 312 20.46 7.73 4.19
N LEU A 313 19.50 8.67 4.08
CA LEU A 313 19.78 10.08 4.32
C LEU A 313 19.44 10.57 5.73
N GLY A 314 18.58 9.87 6.48
CA GLY A 314 17.94 10.37 7.72
C GLY A 314 18.87 10.56 8.92
N GLY A 315 20.11 10.13 8.84
CA GLY A 315 20.94 10.28 10.03
C GLY A 315 21.80 11.52 10.10
N SER A 316 21.57 12.51 9.23
CA SER A 316 22.34 13.75 9.29
C SER A 316 21.41 14.93 8.99
N VAL A 317 21.64 16.06 9.66
CA VAL A 317 20.84 17.27 9.47
C VAL A 317 20.56 17.60 8.01
N VAL A 318 21.61 17.62 7.17
CA VAL A 318 21.42 17.95 5.75
C VAL A 318 20.58 16.89 5.06
N GLY A 319 20.88 15.62 5.31
CA GLY A 319 20.09 14.55 4.70
C GLY A 319 18.64 14.56 5.14
N LEU A 320 18.42 14.62 6.46
CA LEU A 320 17.05 14.64 6.97
C LEU A 320 16.30 15.85 6.45
N SER A 321 17.00 17.00 6.30
CA SER A 321 16.38 18.17 5.67
C SER A 321 15.93 17.88 4.26
N ILE A 322 16.83 17.33 3.43
CA ILE A 322 16.44 17.01 2.04
C ILE A 322 15.21 16.13 2.03
N VAL A 323 15.20 15.10 2.88
CA VAL A 323 14.02 14.23 2.86
C VAL A 323 12.79 15.01 3.27
N ALA A 324 12.91 15.86 4.31
CA ALA A 324 11.73 16.61 4.77
C ALA A 324 11.23 17.55 3.68
N ILE A 325 12.15 18.21 2.95
CA ILE A 325 11.75 19.14 1.89
C ILE A 325 11.06 18.39 0.77
N VAL A 326 11.60 17.23 0.38
CA VAL A 326 10.96 16.44 -0.67
C VAL A 326 9.57 15.97 -0.25
N ILE A 327 9.46 15.40 0.97
CA ILE A 327 8.17 14.87 1.42
C ILE A 327 7.14 15.98 1.47
N GLY A 328 7.52 17.13 2.04
CA GLY A 328 6.59 18.27 2.09
C GLY A 328 6.19 18.74 0.71
N TRP A 329 7.15 18.84 -0.23
CA TRP A 329 6.84 19.26 -1.59
C TRP A 329 5.77 18.37 -2.20
N ASN A 330 5.99 17.05 -2.11
CA ASN A 330 5.07 16.08 -2.71
C ASN A 330 3.71 16.13 -2.03
N TYR A 331 3.73 16.01 -0.70
CA TYR A 331 2.51 16.03 0.07
C TYR A 331 1.67 17.25 -0.25
N GLY A 332 2.19 18.44 0.02
CA GLY A 332 1.45 19.65 -0.31
C GLY A 332 0.92 19.68 -1.74
N ALA A 333 1.74 19.26 -2.72
CA ALA A 333 1.27 19.29 -4.11
C ALA A 333 -0.05 18.56 -4.25
N MET A 334 -0.23 17.46 -3.49
CA MET A 334 -1.48 16.71 -3.63
C MET A 334 -2.69 17.64 -3.63
N PHE A 335 -2.71 18.64 -2.75
CA PHE A 335 -3.93 19.43 -2.49
C PHE A 335 -4.21 20.52 -3.51
N THR A 336 -3.22 20.87 -4.35
CA THR A 336 -3.53 21.60 -5.59
C THR A 336 -3.89 20.63 -6.73
N LEU A 337 -3.17 19.50 -6.84
CA LEU A 337 -3.20 18.69 -8.05
C LEU A 337 -4.41 17.75 -8.11
N PHE A 338 -4.87 17.21 -6.97
CA PHE A 338 -6.12 16.44 -7.02
C PHE A 338 -7.30 17.30 -7.44
N PRO A 339 -7.56 18.46 -6.86
CA PRO A 339 -8.68 19.24 -7.40
C PRO A 339 -8.43 19.64 -8.85
N ALA A 340 -7.19 20.04 -9.18
CA ALA A 340 -6.90 20.38 -10.58
C ALA A 340 -7.21 19.21 -11.50
N THR A 341 -6.84 18.00 -11.10
CA THR A 341 -7.18 16.81 -11.88
C THR A 341 -8.69 16.60 -11.98
N CYS A 342 -9.37 16.70 -10.86
CA CYS A 342 -10.80 16.46 -10.84
C CYS A 342 -11.43 17.47 -11.77
N LEU A 343 -10.93 18.71 -11.75
CA LEU A 343 -11.46 19.77 -12.61
C LEU A 343 -11.22 19.45 -14.08
N GLN A 344 -10.05 18.89 -14.39
CA GLN A 344 -9.77 18.50 -15.76
C GLN A 344 -10.65 17.37 -16.23
N PHE A 345 -10.90 16.37 -15.40
CA PHE A 345 -11.70 15.22 -15.81
C PHE A 345 -13.15 15.61 -16.03
N TYR A 346 -13.74 16.34 -15.09
CA TYR A 346 -15.19 16.50 -15.06
C TYR A 346 -15.68 17.93 -15.26
N GLY A 347 -14.77 18.91 -15.38
CA GLY A 347 -15.20 20.27 -15.58
C GLY A 347 -15.57 20.99 -14.29
N PRO A 348 -15.78 22.31 -14.37
CA PRO A 348 -15.94 23.12 -13.16
C PRO A 348 -17.35 23.30 -12.60
N THR A 349 -18.41 22.99 -13.36
CA THR A 349 -19.75 23.35 -12.88
C THR A 349 -20.11 22.59 -11.59
N ALA A 350 -19.72 21.31 -11.49
CA ALA A 350 -20.00 20.48 -10.32
C ALA A 350 -18.77 20.27 -9.43
N GLN A 351 -17.78 21.17 -9.50
CA GLN A 351 -16.52 20.95 -8.80
C GLN A 351 -16.71 20.95 -7.29
N GLY A 352 -17.69 21.72 -6.80
CA GLY A 352 -17.95 21.67 -5.36
C GLY A 352 -18.33 20.27 -4.91
N SER A 353 -19.33 19.69 -5.56
CA SER A 353 -19.79 18.35 -5.19
C SER A 353 -18.72 17.29 -5.47
N ASN A 354 -18.16 17.28 -6.68
CA ASN A 354 -17.13 16.28 -7.01
C ASN A 354 -15.94 16.33 -6.06
N TYR A 355 -15.34 17.53 -5.87
CA TYR A 355 -14.17 17.59 -4.98
C TYR A 355 -14.56 17.37 -3.53
N GLY A 356 -15.74 17.83 -3.10
CA GLY A 356 -16.21 17.50 -1.76
C GLY A 356 -16.22 16.00 -1.50
N LEU A 357 -16.77 15.23 -2.44
CA LEU A 357 -16.71 13.78 -2.29
C LEU A 357 -15.26 13.33 -2.22
N LEU A 358 -14.46 13.70 -3.24
CA LEU A 358 -13.10 13.17 -3.35
C LEU A 358 -12.23 13.48 -2.15
N PHE A 359 -12.45 14.62 -1.51
CA PHE A 359 -11.60 14.96 -0.37
C PHE A 359 -11.87 14.05 0.83
N THR A 360 -13.08 13.47 0.91
CA THR A 360 -13.35 12.57 2.03
C THR A 360 -12.31 11.45 2.12
N ALA A 361 -11.57 11.16 1.04
CA ALA A 361 -10.45 10.23 1.17
C ALA A 361 -9.38 10.79 2.10
N CYS A 362 -8.97 12.04 1.89
CA CYS A 362 -8.03 12.65 2.83
C CYS A 362 -8.67 12.78 4.22
N GLY A 363 -10.00 12.80 4.28
CA GLY A 363 -10.65 12.79 5.58
C GLY A 363 -10.41 11.51 6.35
N LEU A 364 -10.70 10.37 5.71
CA LEU A 364 -10.43 9.08 6.34
C LEU A 364 -8.96 8.93 6.67
N ALA A 365 -8.09 9.34 5.73
CA ALA A 365 -6.66 9.22 5.93
C ALA A 365 -6.18 10.01 7.14
N GLY A 366 -6.60 11.27 7.25
CA GLY A 366 -6.19 12.06 8.39
C GLY A 366 -6.73 11.52 9.70
N PHE A 367 -7.85 10.81 9.63
CA PHE A 367 -8.35 10.17 10.84
C PHE A 367 -7.43 9.04 11.27
N ALA A 368 -7.16 8.10 10.36
CA ALA A 368 -6.61 6.81 10.77
C ALA A 368 -5.11 6.68 10.58
N GLY A 369 -4.54 7.35 9.58
CA GLY A 369 -3.14 7.21 9.22
C GLY A 369 -2.13 7.42 10.33
N PRO A 370 -2.21 8.57 11.03
CA PRO A 370 -1.20 8.84 12.07
C PRO A 370 -1.16 7.73 13.11
N TRP A 371 -2.36 7.27 13.46
CA TRP A 371 -2.49 6.18 14.43
C TRP A 371 -1.82 4.91 13.90
N VAL A 372 -2.09 4.53 12.64
CA VAL A 372 -1.50 3.33 12.07
C VAL A 372 0.01 3.39 12.08
N GLY A 373 0.58 4.52 11.66
CA GLY A 373 2.03 4.65 11.68
C GLY A 373 2.62 4.44 13.07
N GLY A 374 2.01 5.09 14.07
CA GLY A 374 2.48 4.88 15.43
C GLY A 374 2.40 3.43 15.84
N TRP A 375 1.31 2.75 15.43
CA TRP A 375 1.11 1.38 15.85
C TRP A 375 2.10 0.43 15.17
N LEU A 376 2.34 0.60 13.87
CA LEU A 376 3.34 -0.26 13.22
C LEU A 376 4.71 -0.08 13.86
N LYS A 377 5.13 1.18 14.07
CA LYS A 377 6.38 1.40 14.76
C LYS A 377 6.42 0.62 16.07
N ASP A 378 5.43 0.85 16.95
CA ASP A 378 5.42 0.18 18.26
C ASP A 378 5.47 -1.34 18.10
N THR A 379 4.69 -1.88 17.15
CA THR A 379 4.67 -3.32 16.87
C THR A 379 6.07 -3.85 16.64
N THR A 380 6.82 -3.24 15.76
CA THR A 380 8.15 -3.77 15.51
C THR A 380 9.21 -3.06 16.32
N GLY A 381 8.87 -1.95 16.98
CA GLY A 381 9.89 -1.14 17.61
C GLY A 381 10.75 -0.34 16.64
N THR A 382 10.47 -0.39 15.35
CA THR A 382 11.35 0.17 14.35
C THR A 382 10.55 0.97 13.31
N TYR A 383 11.27 1.74 12.50
CA TYR A 383 10.66 2.58 11.47
C TYR A 383 10.54 1.88 10.13
N TYR A 384 10.98 0.63 10.03
CA TYR A 384 10.86 -0.09 8.77
C TYR A 384 9.40 -0.23 8.37
N LEU A 385 8.56 -0.73 9.27
CA LEU A 385 7.16 -1.02 8.90
C LEU A 385 6.40 0.22 8.45
N PRO A 386 6.32 1.32 9.23
CA PRO A 386 5.56 2.45 8.72
C PRO A 386 6.15 3.03 7.45
N PHE A 387 7.47 3.19 7.38
CA PHE A 387 8.02 3.85 6.19
C PHE A 387 7.87 2.99 4.94
N LEU A 388 7.96 1.67 5.09
CA LEU A 388 7.84 0.85 3.90
C LEU A 388 6.38 0.69 3.50
N CYS A 389 5.46 0.64 4.47
CA CYS A 389 4.03 0.72 4.17
C CYS A 389 3.69 2.01 3.41
N ALA A 390 4.22 3.13 3.86
CA ALA A 390 3.96 4.40 3.18
C ALA A 390 4.58 4.42 1.78
N ALA A 391 5.75 3.79 1.61
CA ALA A 391 6.36 3.69 0.29
C ALA A 391 5.52 2.83 -0.65
N ALA A 392 4.90 1.77 -0.13
CA ALA A 392 4.00 0.97 -0.96
C ALA A 392 2.77 1.76 -1.36
N LEU A 393 2.18 2.52 -0.42
CA LEU A 393 1.01 3.31 -0.78
C LEU A 393 1.36 4.37 -1.84
N CYS A 394 2.47 5.06 -1.68
CA CYS A 394 2.89 5.98 -2.75
C CYS A 394 3.20 5.24 -4.07
N ALA A 395 3.67 3.99 -4.02
CA ALA A 395 3.84 3.27 -5.29
C ALA A 395 2.49 3.05 -5.96
N LEU A 396 1.50 2.57 -5.21
CA LEU A 396 0.18 2.41 -5.79
C LEU A 396 -0.31 3.72 -6.39
N GLY A 397 -0.18 4.81 -5.63
CA GLY A 397 -0.61 6.12 -6.10
C GLY A 397 0.10 6.56 -7.38
N THR A 398 1.41 6.37 -7.45
CA THR A 398 2.14 6.60 -8.70
C THR A 398 1.50 5.87 -9.88
N ALA A 399 1.21 4.57 -9.71
CA ALA A 399 0.63 3.79 -10.82
C ALA A 399 -0.74 4.33 -11.23
N ILE A 400 -1.61 4.51 -10.24
CA ILE A 400 -2.96 5.04 -10.52
C ILE A 400 -2.89 6.39 -11.23
N VAL A 401 -2.13 7.34 -10.67
CA VAL A 401 -2.10 8.70 -11.20
C VAL A 401 -1.48 8.73 -12.60
N PHE A 402 -0.46 7.90 -12.83
CA PHE A 402 0.22 7.95 -14.12
C PHE A 402 -0.62 7.33 -15.21
N MET A 403 -1.32 6.23 -14.91
CA MET A 403 -2.05 5.55 -15.98
C MET A 403 -3.42 6.14 -16.25
N THR A 404 -3.99 6.91 -15.30
CA THR A 404 -5.38 7.37 -15.42
C THR A 404 -5.48 8.66 -16.23
N LYS A 405 -5.99 8.56 -17.43
CA LYS A 405 -6.18 9.68 -18.34
C LYS A 405 -7.63 10.13 -18.34
N PRO A 406 -7.89 11.38 -18.75
CA PRO A 406 -9.23 11.95 -18.58
C PRO A 406 -10.28 11.17 -19.33
N PRO A 407 -11.50 11.15 -18.83
CA PRO A 407 -12.61 10.47 -19.49
C PRO A 407 -13.18 11.27 -20.66
N GLU A 408 -13.95 10.56 -21.50
CA GLU A 408 -14.65 11.17 -22.62
C GLU A 408 -15.38 12.42 -22.19
N LYS A 409 -15.13 13.53 -22.90
CA LYS A 409 -15.84 14.77 -22.60
C LYS A 409 -17.28 14.56 -23.04
N LYS A 410 -18.25 14.92 -22.18
CA LYS A 410 -19.63 14.56 -22.48
C LYS A 410 -20.26 15.40 -23.57
N HIS A 411 -21.18 14.77 -24.28
CA HIS A 411 -21.89 15.34 -25.43
C HIS A 411 -23.22 15.82 -24.90
N ALA A 412 -23.62 17.03 -25.30
CA ALA A 412 -24.86 17.65 -24.83
C ALA A 412 -25.84 17.62 -26.00
N LEU A 413 -26.40 16.44 -26.25
CA LEU A 413 -27.37 16.32 -27.35
C LEU A 413 -28.56 17.25 -27.14
N GLU A 414 -28.95 17.50 -25.89
CA GLU A 414 -30.13 18.30 -25.59
C GLU A 414 -29.91 19.79 -25.88
N LEU A 415 -28.66 20.24 -25.93
CA LEU A 415 -28.30 21.54 -26.50
C LEU A 415 -27.98 21.46 -27.99
N GLU A 416 -27.29 20.40 -28.41
CA GLU A 416 -26.90 20.25 -29.79
C GLU A 416 -28.10 20.33 -30.72
N VAL A 417 -29.28 19.93 -30.26
CA VAL A 417 -30.43 19.88 -31.16
C VAL A 417 -31.18 21.21 -31.20
N LEU A 418 -30.56 22.28 -30.71
CA LEU A 418 -31.10 23.62 -30.83
C LEU A 418 -30.64 24.32 -32.10
N PHE A 419 -29.72 23.72 -32.84
CA PHE A 419 -29.14 24.34 -34.03
C PHE A 419 -29.95 23.89 -35.24
N GLN A 420 -31.12 24.49 -35.38
CA GLN A 420 -32.07 24.30 -36.49
C GLN A 420 -32.33 22.83 -36.81
N TRP B 11 21.87 -33.54 -16.53
CA TRP B 11 20.44 -33.23 -16.52
C TRP B 11 19.71 -34.00 -15.44
N VAL B 12 20.40 -35.00 -14.86
CA VAL B 12 19.79 -35.78 -13.77
C VAL B 12 19.38 -34.92 -12.59
N PRO B 13 20.18 -33.94 -12.13
CA PRO B 13 19.69 -33.05 -11.06
C PRO B 13 18.37 -32.38 -11.37
N LEU B 14 17.99 -32.22 -12.64
CA LEU B 14 16.67 -31.67 -12.95
C LEU B 14 15.57 -32.59 -12.43
N LEU B 15 15.65 -33.89 -12.75
CA LEU B 15 14.65 -34.82 -12.23
C LEU B 15 14.70 -34.91 -10.71
N LEU B 16 15.91 -34.84 -10.13
CA LEU B 16 16.01 -34.86 -8.67
C LEU B 16 15.28 -33.68 -8.06
N GLY B 17 15.51 -32.48 -8.59
CA GLY B 17 14.82 -31.30 -8.08
C GLY B 17 13.32 -31.40 -8.25
N LEU B 18 12.87 -31.98 -9.36
CA LEU B 18 11.44 -32.18 -9.52
C LEU B 18 10.88 -33.06 -8.40
N LEU B 19 11.57 -34.15 -8.07
CA LEU B 19 11.13 -35.00 -6.96
C LEU B 19 11.09 -34.22 -5.63
N GLY B 20 12.20 -33.58 -5.28
CA GLY B 20 12.25 -32.87 -4.01
C GLY B 20 11.17 -31.81 -3.88
N SER B 21 11.01 -30.99 -4.92
CA SER B 21 10.00 -29.95 -4.90
C SER B 21 8.60 -30.52 -4.87
N THR B 22 8.39 -31.70 -5.47
CA THR B 22 7.07 -32.33 -5.44
C THR B 22 6.74 -32.85 -4.06
N THR B 23 7.72 -33.46 -3.39
CA THR B 23 7.61 -33.72 -1.94
C THR B 23 7.16 -32.47 -1.19
N CYS B 24 7.83 -31.34 -1.44
CA CYS B 24 7.47 -30.13 -0.72
C CYS B 24 6.05 -29.67 -1.09
N GLY B 25 5.66 -29.82 -2.35
CA GLY B 25 4.31 -29.41 -2.75
C GLY B 25 3.23 -30.24 -2.08
N MET B 26 3.48 -31.55 -1.94
CA MET B 26 2.62 -32.38 -1.12
C MET B 26 2.59 -31.89 0.32
N LEU B 27 3.74 -31.49 0.88
CA LEU B 27 3.74 -30.92 2.23
C LEU B 27 2.84 -29.70 2.30
N LEU B 28 2.98 -28.81 1.33
CA LEU B 28 2.25 -27.54 1.29
C LEU B 28 0.74 -27.75 1.12
N TYR B 29 0.36 -28.76 0.35
CA TYR B 29 -1.06 -29.03 0.14
C TYR B 29 -1.66 -29.85 1.28
N ALA B 30 -0.85 -30.72 1.91
CA ALA B 30 -1.35 -31.80 2.75
C ALA B 30 -2.36 -31.34 3.79
N TRP B 31 -2.09 -30.20 4.43
CA TRP B 31 -2.95 -29.77 5.54
C TRP B 31 -4.40 -29.54 5.10
N SER B 32 -4.61 -29.10 3.86
CA SER B 32 -5.96 -28.74 3.39
C SER B 32 -6.94 -29.92 3.39
N VAL B 33 -6.50 -31.11 2.99
CA VAL B 33 -7.42 -32.26 2.93
C VAL B 33 -7.88 -32.70 4.31
N PHE B 34 -7.19 -32.26 5.37
CA PHE B 34 -7.49 -32.70 6.73
C PHE B 34 -8.55 -31.87 7.44
N ILE B 35 -9.00 -30.76 6.84
CA ILE B 35 -9.94 -29.85 7.49
C ILE B 35 -11.21 -30.60 7.93
N LYS B 36 -11.87 -31.27 6.97
CA LYS B 36 -13.09 -31.99 7.32
C LYS B 36 -12.83 -33.19 8.23
N PRO B 37 -11.84 -34.08 7.96
CA PRO B 37 -11.65 -35.25 8.86
C PRO B 37 -11.34 -34.89 10.31
N LEU B 38 -10.48 -33.88 10.54
CA LEU B 38 -10.13 -33.50 11.90
C LEU B 38 -11.31 -32.84 12.61
N ASN B 39 -12.06 -31.99 11.92
CA ASN B 39 -13.24 -31.39 12.54
C ASN B 39 -14.28 -32.46 12.88
N ALA B 40 -14.44 -33.47 12.03
CA ALA B 40 -15.34 -34.57 12.31
C ALA B 40 -14.88 -35.38 13.52
N GLU B 41 -13.57 -35.47 13.75
CA GLU B 41 -13.09 -36.27 14.86
C GLU B 41 -12.95 -35.47 16.15
N PHE B 42 -12.45 -34.24 16.08
CA PHE B 42 -12.34 -33.41 17.28
C PHE B 42 -12.00 -31.97 16.91
N SER B 45 -12.05 -26.33 14.46
CA SER B 45 -12.13 -25.08 13.72
C SER B 45 -11.20 -25.08 12.52
N ARG B 46 -11.61 -24.41 11.44
CA ARG B 46 -10.74 -24.30 10.27
C ARG B 46 -9.49 -23.49 10.59
N ALA B 47 -9.63 -22.41 11.37
CA ALA B 47 -8.48 -21.63 11.80
C ALA B 47 -7.49 -22.47 12.62
N GLU B 48 -8.02 -23.29 13.53
CA GLU B 48 -7.16 -24.07 14.40
C GLU B 48 -6.29 -25.05 13.63
N ILE B 49 -6.85 -25.67 12.58
CA ILE B 49 -6.05 -26.57 11.74
C ILE B 49 -5.07 -25.78 10.88
N ALA B 50 -5.53 -24.68 10.27
CA ALA B 50 -4.64 -23.90 9.40
C ALA B 50 -3.45 -23.31 10.18
N MET B 51 -3.57 -23.14 11.50
CA MET B 51 -2.42 -22.67 12.28
C MET B 51 -1.21 -23.60 12.14
N ALA B 52 -1.47 -24.91 11.97
CA ALA B 52 -0.37 -25.85 11.72
C ALA B 52 0.36 -25.50 10.44
N PHE B 53 -0.39 -25.15 9.39
CA PHE B 53 0.22 -24.68 8.15
C PHE B 53 0.97 -23.37 8.35
N ALA B 54 0.46 -22.50 9.23
CA ALA B 54 1.13 -21.23 9.52
C ALA B 54 2.51 -21.49 10.10
N ILE B 55 2.57 -22.32 11.14
CA ILE B 55 3.84 -22.71 11.74
C ILE B 55 4.74 -23.42 10.73
N CYS B 56 4.13 -24.25 9.87
CA CYS B 56 4.89 -24.97 8.85
C CYS B 56 5.58 -24.02 7.88
N CYS B 57 4.86 -23.01 7.42
CA CYS B 57 5.46 -22.00 6.54
C CYS B 57 6.56 -21.21 7.25
N LEU B 58 6.31 -20.81 8.50
CA LEU B 58 7.35 -20.08 9.23
C LEU B 58 8.63 -20.90 9.34
N ILE B 59 8.51 -22.15 9.81
CA ILE B 59 9.67 -23.01 10.04
C ILE B 59 10.36 -23.35 8.72
N PHE B 60 9.60 -23.77 7.72
CA PHE B 60 10.11 -24.03 6.38
C PHE B 60 10.93 -22.85 5.86
N GLY B 61 10.30 -21.65 5.84
CA GLY B 61 10.94 -20.46 5.32
C GLY B 61 12.17 -20.01 6.10
N LEU B 62 12.19 -20.25 7.42
CA LEU B 62 13.40 -19.93 8.19
C LEU B 62 14.47 -20.99 7.99
N MET B 63 14.11 -22.28 8.03
CA MET B 63 15.08 -23.36 7.89
C MET B 63 15.75 -23.37 6.52
N THR B 64 15.20 -22.66 5.52
CA THR B 64 15.95 -22.54 4.27
C THR B 64 17.35 -21.96 4.51
N PHE B 65 17.45 -20.90 5.32
CA PHE B 65 18.74 -20.27 5.60
C PHE B 65 19.78 -21.24 6.15
N PRO B 66 19.57 -21.92 7.29
CA PRO B 66 20.55 -22.95 7.69
C PRO B 66 20.72 -24.05 6.65
N ALA B 67 19.64 -24.44 5.94
CA ALA B 67 19.76 -25.46 4.89
C ALA B 67 20.74 -25.03 3.81
N GLY B 68 20.68 -23.77 3.40
CA GLY B 68 21.59 -23.29 2.37
C GLY B 68 23.02 -23.17 2.85
N ARG B 69 23.22 -22.63 4.05
CA ARG B 69 24.58 -22.54 4.56
C ARG B 69 25.19 -23.94 4.69
N LEU B 70 24.44 -24.89 5.26
CA LEU B 70 24.95 -26.24 5.41
C LEU B 70 25.15 -26.92 4.06
N SER B 71 24.25 -26.70 3.10
CA SER B 71 24.44 -27.26 1.76
C SER B 71 25.74 -26.73 1.13
N ASP B 72 26.00 -25.42 1.25
CA ASP B 72 27.19 -24.87 0.64
C ASP B 72 28.46 -25.42 1.29
N LYS B 73 28.47 -25.60 2.62
CA LYS B 73 29.72 -26.06 3.25
C LYS B 73 29.88 -27.58 3.22
N MET B 74 28.88 -28.35 3.66
CA MET B 74 29.00 -29.81 3.74
C MET B 74 28.22 -30.52 2.63
N GLY B 75 27.86 -29.82 1.56
CA GLY B 75 27.18 -30.45 0.44
C GLY B 75 25.69 -30.55 0.64
N PRO B 76 24.95 -30.70 -0.47
CA PRO B 76 23.48 -30.70 -0.39
C PRO B 76 22.87 -32.06 -0.06
N ARG B 77 23.60 -33.15 -0.35
CA ARG B 77 23.05 -34.49 -0.14
C ARG B 77 22.66 -34.73 1.31
N LYS B 78 23.59 -34.51 2.25
CA LYS B 78 23.31 -34.69 3.66
C LYS B 78 22.11 -33.84 4.10
N VAL B 79 22.00 -32.63 3.56
CA VAL B 79 20.92 -31.73 3.98
C VAL B 79 19.57 -32.24 3.48
N VAL B 80 19.48 -32.56 2.18
CA VAL B 80 18.22 -33.07 1.63
C VAL B 80 17.80 -34.37 2.31
N MET B 81 18.76 -35.23 2.65
CA MET B 81 18.37 -36.51 3.25
C MET B 81 17.97 -36.34 4.72
N THR B 82 18.70 -35.54 5.49
CA THR B 82 18.24 -35.17 6.83
C THR B 82 16.83 -34.58 6.78
N GLY B 83 16.59 -33.68 5.83
CA GLY B 83 15.26 -33.10 5.71
C GLY B 83 14.20 -34.14 5.37
N GLY B 84 14.55 -35.10 4.50
CA GLY B 84 13.61 -36.14 4.16
C GLY B 84 13.23 -36.97 5.38
N VAL B 85 14.23 -37.34 6.18
CA VAL B 85 13.96 -38.12 7.39
C VAL B 85 13.12 -37.31 8.38
N LEU B 86 13.43 -36.02 8.54
CA LEU B 86 12.67 -35.17 9.45
C LEU B 86 11.21 -35.03 9.00
N LEU B 87 11.00 -34.85 7.69
CA LEU B 87 9.64 -34.69 7.17
C LEU B 87 8.85 -35.98 7.32
N ALA B 88 9.49 -37.12 7.01
CA ALA B 88 8.84 -38.42 7.18
C ALA B 88 8.43 -38.62 8.63
N ILE B 89 9.35 -38.37 9.57
CA ILE B 89 9.02 -38.44 10.99
C ILE B 89 7.87 -37.51 11.33
N GLY B 90 7.87 -36.29 10.78
CA GLY B 90 6.82 -35.32 11.08
C GLY B 90 5.44 -35.82 10.69
N PHE B 91 5.30 -36.30 9.45
CA PHE B 91 4.00 -36.80 8.99
C PHE B 91 3.59 -38.06 9.74
N ILE B 92 4.53 -38.99 9.91
CA ILE B 92 4.22 -40.26 10.56
C ILE B 92 3.76 -40.02 12.00
N LEU B 93 4.37 -39.06 12.69
CA LEU B 93 3.89 -38.70 14.03
C LEU B 93 2.56 -37.94 13.96
N SER B 94 2.34 -37.14 12.90
CA SER B 94 1.05 -36.48 12.75
C SER B 94 -0.09 -37.49 12.71
N GLY B 95 0.21 -38.71 12.25
CA GLY B 95 -0.78 -39.76 12.22
C GLY B 95 -1.33 -40.17 13.60
N PHE B 96 -0.57 -39.95 14.67
CA PHE B 96 -0.98 -40.38 15.99
C PHE B 96 -1.49 -39.27 16.91
N ILE B 97 -1.52 -38.02 16.48
CA ILE B 97 -1.84 -36.90 17.34
C ILE B 97 -3.17 -37.11 18.08
N GLN B 98 -3.37 -36.36 19.16
CA GLN B 98 -4.65 -36.36 19.87
C GLN B 98 -5.17 -34.97 20.20
N SER B 99 -4.32 -33.96 20.27
CA SER B 99 -4.66 -32.58 20.58
C SER B 99 -4.20 -31.68 19.43
N LYS B 100 -4.57 -30.40 19.52
CA LYS B 100 -4.13 -29.42 18.52
C LYS B 100 -2.63 -29.14 18.63
N TYR B 101 -2.14 -28.90 19.85
CA TYR B 101 -0.72 -28.61 20.03
C TYR B 101 0.15 -29.74 19.50
N GLN B 102 -0.32 -30.98 19.63
CA GLN B 102 0.39 -32.13 19.08
C GLN B 102 0.55 -32.02 17.56
N LEU B 103 -0.51 -31.62 16.85
CA LEU B 103 -0.42 -31.43 15.40
C LEU B 103 0.47 -30.25 15.03
N TYR B 104 0.38 -29.15 15.80
CA TYR B 104 1.28 -28.03 15.57
C TYR B 104 2.73 -28.49 15.60
N ILE B 105 3.10 -29.29 16.61
CA ILE B 105 4.48 -29.78 16.71
C ILE B 105 4.80 -30.71 15.53
N THR B 106 3.99 -31.76 15.35
CA THR B 106 4.31 -32.81 14.37
C THR B 106 4.35 -32.25 12.94
N TYR B 107 3.32 -31.51 12.53
CA TYR B 107 3.25 -30.99 11.17
C TYR B 107 3.99 -29.66 11.03
N GLY B 108 3.64 -28.66 11.85
CA GLY B 108 4.23 -27.35 11.68
C GLY B 108 5.73 -27.33 11.88
N VAL B 109 6.23 -27.97 12.95
CA VAL B 109 7.63 -27.77 13.31
C VAL B 109 8.53 -28.79 12.61
N ILE B 110 8.32 -30.08 12.93
CA ILE B 110 9.17 -31.16 12.40
C ILE B 110 9.10 -31.21 10.88
N ALA B 111 7.88 -31.35 10.35
CA ALA B 111 7.72 -31.48 8.91
C ALA B 111 8.22 -30.23 8.18
N GLY B 112 7.90 -29.04 8.69
CA GLY B 112 8.36 -27.81 8.06
C GLY B 112 9.88 -27.71 8.06
N PHE B 113 10.51 -28.14 9.16
CA PHE B 113 11.97 -28.18 9.24
C PHE B 113 12.55 -29.06 8.14
N GLY B 114 12.06 -30.28 8.05
CA GLY B 114 12.55 -31.19 7.03
C GLY B 114 12.30 -30.68 5.63
N GLY B 115 11.12 -30.10 5.40
CA GLY B 115 10.77 -29.60 4.08
C GLY B 115 11.65 -28.44 3.64
N GLY B 116 11.98 -27.53 4.56
CA GLY B 116 12.89 -26.45 4.20
C GLY B 116 14.26 -26.97 3.82
N MET B 117 14.77 -27.93 4.60
CA MET B 117 16.06 -28.56 4.29
C MET B 117 16.02 -29.33 2.96
N ILE B 118 14.85 -29.87 2.59
CA ILE B 118 14.69 -30.50 1.29
C ILE B 118 14.68 -29.44 0.18
N TYR B 119 13.99 -28.33 0.43
CA TYR B 119 13.66 -27.38 -0.61
C TYR B 119 14.88 -26.63 -1.11
N LEU B 120 15.69 -26.08 -0.17
CA LEU B 120 16.71 -25.12 -0.62
C LEU B 120 17.89 -25.73 -1.37
N PRO B 121 18.53 -26.81 -0.92
CA PRO B 121 19.80 -27.27 -1.54
C PRO B 121 19.67 -27.62 -3.02
N PRO B 122 18.54 -28.19 -3.49
CA PRO B 122 18.40 -28.34 -4.96
C PRO B 122 18.30 -27.03 -5.71
N ILE B 123 17.61 -26.02 -5.19
CA ILE B 123 17.63 -24.69 -5.82
C ILE B 123 19.07 -24.19 -5.95
N ALA B 124 19.91 -24.49 -4.95
CA ALA B 124 21.32 -24.11 -5.08
C ALA B 124 22.05 -24.98 -6.10
N THR B 125 21.72 -26.28 -6.17
CA THR B 125 22.56 -27.22 -6.90
C THR B 125 22.22 -27.26 -8.38
N ALA B 126 20.94 -27.35 -8.73
CA ALA B 126 20.51 -27.58 -10.10
C ALA B 126 21.15 -26.63 -11.11
N PRO B 127 21.13 -25.30 -10.92
CA PRO B 127 21.75 -24.41 -11.92
C PRO B 127 23.24 -24.61 -12.12
N LYS B 128 23.98 -25.00 -11.07
CA LYS B 128 25.41 -25.24 -11.19
C LYS B 128 25.74 -26.15 -12.37
N TRP B 129 24.79 -26.99 -12.78
CA TRP B 129 24.98 -27.86 -13.93
C TRP B 129 24.57 -27.21 -15.25
N TRP B 130 23.83 -26.10 -15.21
CA TRP B 130 23.29 -25.45 -16.40
C TRP B 130 23.70 -23.97 -16.46
N PRO B 131 24.99 -23.69 -16.65
CA PRO B 131 25.39 -22.30 -16.87
C PRO B 131 24.69 -21.68 -18.07
N ASP B 132 24.35 -22.49 -19.08
CA ASP B 132 23.66 -22.04 -20.29
C ASP B 132 22.16 -21.82 -20.07
N ARG B 133 21.53 -22.49 -19.05
CA ARG B 133 20.09 -22.38 -18.79
C ARG B 133 19.83 -22.36 -17.27
N ARG B 134 20.29 -21.30 -16.61
CA ARG B 134 20.20 -21.25 -15.15
C ARG B 134 18.76 -21.16 -14.67
N ALA B 135 17.97 -20.23 -15.23
CA ALA B 135 16.62 -20.01 -14.73
C ALA B 135 15.73 -21.23 -14.98
N LEU B 136 15.85 -21.87 -16.15
CA LEU B 136 15.07 -23.07 -16.40
C LEU B 136 15.37 -24.16 -15.37
N ALA B 137 16.65 -24.33 -15.02
CA ALA B 137 17.04 -25.32 -14.01
C ALA B 137 16.47 -24.97 -12.63
N THR B 138 16.59 -23.71 -12.23
CA THR B 138 15.91 -23.27 -11.01
C THR B 138 14.43 -23.64 -11.08
N GLY B 139 13.80 -23.40 -12.23
CA GLY B 139 12.40 -23.73 -12.37
C GLY B 139 12.14 -25.19 -12.10
N PHE B 140 13.00 -26.06 -12.62
CA PHE B 140 12.83 -27.48 -12.32
C PHE B 140 13.04 -27.75 -10.83
N ALA B 141 13.89 -26.95 -10.17
CA ALA B 141 14.09 -27.14 -8.74
C ALA B 141 12.92 -26.64 -7.90
N VAL B 142 12.03 -25.85 -8.50
CA VAL B 142 10.89 -25.30 -7.77
C VAL B 142 9.54 -25.75 -8.32
N VAL B 143 9.47 -26.49 -9.43
CA VAL B 143 8.17 -26.67 -10.07
C VAL B 143 7.29 -27.66 -9.32
N GLY B 144 7.87 -28.53 -8.49
CA GLY B 144 7.05 -29.49 -7.77
C GLY B 144 6.08 -28.84 -6.81
N LEU B 145 6.36 -27.60 -6.40
CA LEU B 145 5.49 -26.93 -5.43
C LEU B 145 4.14 -26.53 -6.00
N GLY B 146 3.99 -26.52 -7.31
CA GLY B 146 2.70 -26.37 -7.92
C GLY B 146 2.10 -27.66 -8.41
N LEU B 147 2.76 -28.80 -8.15
CA LEU B 147 2.31 -30.11 -8.58
C LEU B 147 1.84 -30.97 -7.43
N GLY B 148 2.10 -30.53 -6.19
CA GLY B 148 1.74 -31.33 -5.03
C GLY B 148 0.27 -31.66 -4.97
N SER B 149 -0.58 -30.67 -5.27
CA SER B 149 -2.03 -30.89 -5.23
C SER B 149 -2.44 -31.94 -6.26
N PHE B 150 -2.01 -31.78 -7.51
CA PHE B 150 -2.48 -32.66 -8.59
C PHE B 150 -2.22 -34.12 -8.30
N LEU B 151 -1.18 -34.42 -7.50
CA LEU B 151 -0.80 -35.79 -7.14
C LEU B 151 -1.44 -36.24 -5.84
N MET B 152 -1.39 -35.39 -4.80
CA MET B 152 -1.82 -35.82 -3.47
C MET B 152 -3.34 -35.85 -3.33
N GLY B 153 -4.05 -34.87 -3.91
CA GLY B 153 -5.46 -34.66 -3.63
C GLY B 153 -6.33 -35.89 -3.82
N PRO B 154 -6.38 -36.42 -5.04
CA PRO B 154 -7.17 -37.65 -5.28
C PRO B 154 -6.82 -38.81 -4.36
N LEU B 155 -5.52 -39.06 -4.15
CA LEU B 155 -5.13 -40.15 -3.25
C LEU B 155 -5.66 -39.92 -1.83
N ALA B 156 -5.50 -38.69 -1.33
CA ALA B 156 -6.05 -38.33 -0.02
C ALA B 156 -7.56 -38.59 0.05
N THR B 157 -8.32 -38.04 -0.91
CA THR B 157 -9.77 -38.23 -0.91
C THR B 157 -10.13 -39.71 -0.87
N TYR B 158 -9.47 -40.52 -1.70
CA TYR B 158 -9.75 -41.96 -1.66
C TYR B 158 -9.46 -42.52 -0.27
N ILE B 159 -8.26 -42.25 0.24
CA ILE B 159 -7.87 -42.81 1.53
C ILE B 159 -8.68 -42.20 2.66
N ILE B 160 -9.12 -40.94 2.49
CA ILE B 160 -10.01 -40.30 3.47
C ILE B 160 -11.40 -40.87 3.28
N GLY B 166 -9.38 -43.94 7.56
CA GLY B 166 -9.56 -42.52 7.76
C GLY B 166 -8.35 -41.69 7.36
N TRP B 167 -8.19 -40.53 8.00
CA TRP B 167 -7.14 -39.57 7.66
C TRP B 167 -5.78 -39.97 8.24
N ARG B 168 -5.77 -40.61 9.41
CA ARG B 168 -4.53 -41.11 9.98
C ARG B 168 -3.76 -41.92 8.94
N TYR B 169 -4.49 -42.70 8.14
CA TYR B 169 -3.89 -43.46 7.06
C TYR B 169 -3.24 -42.53 6.02
N VAL B 170 -3.89 -41.42 5.69
CA VAL B 170 -3.30 -40.51 4.72
C VAL B 170 -1.96 -39.98 5.24
N PHE B 171 -1.95 -39.59 6.51
CA PHE B 171 -0.70 -39.13 7.14
C PHE B 171 0.39 -40.18 7.05
N TRP B 172 0.12 -41.39 7.54
CA TRP B 172 1.15 -42.43 7.58
C TRP B 172 1.67 -42.75 6.17
N TYR B 173 0.76 -42.94 5.21
CA TYR B 173 1.17 -43.42 3.90
C TYR B 173 1.90 -42.33 3.11
N CYS B 174 1.33 -41.12 3.03
CA CYS B 174 2.05 -40.02 2.37
C CYS B 174 3.37 -39.70 3.07
N GLY B 175 3.42 -39.75 4.40
CA GLY B 175 4.68 -39.55 5.08
C GLY B 175 5.75 -40.51 4.61
N VAL B 176 5.40 -41.79 4.47
CA VAL B 176 6.35 -42.78 3.96
C VAL B 176 6.79 -42.42 2.54
N ALA B 177 5.83 -42.14 1.67
CA ALA B 177 6.16 -41.85 0.27
C ALA B 177 7.07 -40.64 0.15
N MET B 178 6.81 -39.60 0.92
CA MET B 178 7.64 -38.39 0.85
C MET B 178 9.02 -38.65 1.44
N GLY B 179 9.10 -39.34 2.57
CA GLY B 179 10.42 -39.71 3.07
C GLY B 179 11.25 -40.37 2.00
N ILE B 180 10.64 -41.30 1.25
CA ILE B 180 11.37 -42.02 0.22
C ILE B 180 11.75 -41.09 -0.93
N MET B 181 10.81 -40.24 -1.36
CA MET B 181 11.10 -39.36 -2.49
C MET B 181 12.24 -38.40 -2.15
N ALA B 182 12.25 -37.88 -0.91
CA ALA B 182 13.29 -36.96 -0.48
C ALA B 182 14.62 -37.69 -0.31
N LEU B 183 14.59 -38.93 0.19
CA LEU B 183 15.83 -39.69 0.30
C LEU B 183 16.42 -39.99 -1.08
N ILE B 184 15.57 -40.33 -2.05
CA ILE B 184 16.06 -40.54 -3.42
C ILE B 184 16.59 -39.24 -4.01
N ALA B 185 15.83 -38.16 -3.84
CA ALA B 185 16.24 -36.86 -4.39
C ALA B 185 17.59 -36.42 -3.83
N GLY B 186 17.79 -36.58 -2.52
CA GLY B 186 19.07 -36.22 -1.94
C GLY B 186 20.17 -37.22 -2.24
N ALA B 187 19.82 -38.49 -2.43
CA ALA B 187 20.81 -39.54 -2.60
C ALA B 187 21.71 -39.27 -3.79
N PHE B 188 21.14 -38.82 -4.91
CA PHE B 188 21.87 -38.64 -6.14
C PHE B 188 22.27 -37.17 -6.38
N LEU B 189 22.26 -36.35 -5.33
CA LEU B 189 22.43 -34.90 -5.42
C LEU B 189 23.80 -34.45 -4.92
N GLU B 190 24.49 -33.64 -5.75
CA GLU B 190 25.80 -33.06 -5.45
C GLU B 190 26.21 -32.06 -6.54
N PRO B 191 27.02 -31.03 -6.22
CA PRO B 191 27.42 -30.00 -7.18
C PRO B 191 28.35 -30.50 -8.30
N ARG B 217 35.11 -12.74 -10.07
CA ARG B 217 34.83 -13.69 -9.00
C ARG B 217 33.41 -13.55 -8.39
N ASP B 218 32.85 -14.67 -7.93
CA ASP B 218 31.53 -14.62 -7.33
C ASP B 218 31.58 -13.92 -5.97
N TRP B 219 30.45 -13.35 -5.57
CA TRP B 219 30.35 -12.71 -4.26
C TRP B 219 30.34 -13.76 -3.17
N THR B 220 31.10 -13.49 -2.10
CA THR B 220 30.98 -14.29 -0.90
C THR B 220 29.59 -14.06 -0.28
N TYR B 221 29.24 -14.93 0.68
CA TYR B 221 27.98 -14.74 1.38
C TYR B 221 28.00 -13.47 2.22
N GLU B 222 29.11 -13.21 2.92
CA GLU B 222 29.22 -11.98 3.69
C GLU B 222 29.11 -10.74 2.80
N GLU B 223 29.61 -10.83 1.56
CA GLU B 223 29.49 -9.70 0.63
C GLU B 223 28.08 -9.55 0.11
N ALA B 224 27.41 -10.66 -0.18
CA ALA B 224 26.04 -10.57 -0.67
C ALA B 224 25.11 -10.08 0.44
N LYS B 225 25.20 -10.69 1.61
CA LYS B 225 24.42 -10.28 2.77
C LYS B 225 24.65 -8.82 3.13
N GLY B 226 25.82 -8.28 2.82
CA GLY B 226 26.08 -6.87 3.09
C GLY B 226 25.70 -5.91 2.00
N ASP B 227 25.26 -6.40 0.84
CA ASP B 227 24.92 -5.53 -0.28
C ASP B 227 23.53 -4.94 -0.09
N THR B 228 23.36 -3.66 -0.44
CA THR B 228 22.05 -3.04 -0.30
C THR B 228 21.05 -3.60 -1.31
N LYS B 229 21.53 -3.88 -2.54
CA LYS B 229 20.64 -4.44 -3.56
C LYS B 229 20.03 -5.78 -3.10
N PHE B 230 20.79 -6.57 -2.34
CA PHE B 230 20.26 -7.79 -1.75
C PHE B 230 19.03 -7.49 -0.91
N TRP B 231 19.07 -6.45 -0.10
CA TRP B 231 17.96 -6.14 0.78
C TRP B 231 16.79 -5.51 0.03
N LEU B 232 17.05 -4.79 -1.06
CA LEU B 232 15.94 -4.39 -1.92
C LEU B 232 15.26 -5.60 -2.55
N LEU B 233 16.04 -6.61 -2.99
CA LEU B 233 15.44 -7.86 -3.52
C LEU B 233 14.65 -8.57 -2.42
N TYR B 234 15.23 -8.63 -1.22
CA TYR B 234 14.54 -9.17 -0.04
C TYR B 234 13.20 -8.47 0.18
N LEU B 235 13.19 -7.13 0.15
CA LEU B 235 11.96 -6.36 0.31
C LEU B 235 10.96 -6.63 -0.81
N ALA B 236 11.42 -6.77 -2.07
CA ALA B 236 10.47 -7.02 -3.16
C ALA B 236 9.85 -8.40 -3.04
N TYR B 237 10.66 -9.39 -2.65
CA TYR B 237 10.17 -10.75 -2.39
C TYR B 237 9.14 -10.76 -1.27
N PHE B 238 9.43 -10.07 -0.17
CA PHE B 238 8.44 -9.98 0.90
C PHE B 238 7.16 -9.34 0.39
N CYS B 239 7.25 -8.20 -0.31
CA CYS B 239 6.04 -7.55 -0.81
C CYS B 239 5.24 -8.49 -1.73
N GLY B 240 5.90 -9.08 -2.74
CA GLY B 240 5.16 -9.92 -3.68
C GLY B 240 4.55 -11.14 -3.02
N SER B 241 5.38 -11.90 -2.28
CA SER B 241 4.90 -13.06 -1.54
C SER B 241 3.73 -12.71 -0.61
N PHE B 242 3.85 -11.62 0.14
CA PHE B 242 2.81 -11.24 1.09
C PHE B 242 1.52 -10.90 0.36
N ALA B 243 1.63 -10.18 -0.76
CA ALA B 243 0.43 -9.85 -1.53
C ALA B 243 -0.28 -11.12 -2.01
N GLY B 244 0.48 -12.03 -2.63
CA GLY B 244 -0.14 -13.25 -3.11
C GLY B 244 -0.81 -14.03 -1.99
N LEU B 245 -0.10 -14.22 -0.87
CA LEU B 245 -0.65 -15.02 0.23
C LEU B 245 -1.79 -14.31 0.94
N MET B 246 -1.84 -12.99 0.86
CA MET B 246 -2.92 -12.21 1.45
C MET B 246 -4.20 -12.27 0.61
N VAL B 247 -4.12 -12.53 -0.70
CA VAL B 247 -5.35 -12.55 -1.52
C VAL B 247 -5.75 -13.94 -2.01
N ILE B 248 -4.79 -14.85 -2.24
CA ILE B 248 -5.08 -16.01 -3.09
C ILE B 248 -6.22 -16.83 -2.52
N GLY B 249 -6.13 -17.18 -1.24
CA GLY B 249 -7.18 -17.97 -0.64
C GLY B 249 -8.51 -17.26 -0.59
N HIS B 250 -8.52 -15.94 -0.77
CA HIS B 250 -9.77 -15.19 -0.72
C HIS B 250 -10.41 -15.01 -2.09
N LEU B 251 -9.69 -15.31 -3.18
CA LEU B 251 -10.28 -15.22 -4.52
C LEU B 251 -11.64 -15.87 -4.61
N ALA B 252 -11.71 -17.14 -4.22
CA ALA B 252 -12.92 -17.90 -4.45
C ALA B 252 -14.11 -17.31 -3.71
N GLY B 253 -13.91 -16.87 -2.46
CA GLY B 253 -14.99 -16.24 -1.75
C GLY B 253 -15.32 -14.87 -2.32
N PHE B 254 -14.31 -14.19 -2.89
CA PHE B 254 -14.61 -12.93 -3.59
C PHE B 254 -15.61 -13.20 -4.68
N GLY B 255 -15.33 -14.22 -5.48
CA GLY B 255 -16.26 -14.62 -6.52
C GLY B 255 -17.64 -14.91 -5.99
N ARG B 256 -17.71 -15.72 -4.92
CA ARG B 256 -19.02 -16.09 -4.39
C ARG B 256 -19.78 -14.84 -3.91
N ASP B 257 -19.10 -13.92 -3.21
CA ASP B 257 -19.75 -12.69 -2.78
C ASP B 257 -20.17 -11.83 -3.97
N ALA B 258 -19.45 -11.94 -5.08
CA ALA B 258 -19.79 -11.17 -6.27
C ALA B 258 -20.98 -11.76 -7.00
N GLY B 259 -21.56 -12.84 -6.49
CA GLY B 259 -22.78 -13.43 -7.03
C GLY B 259 -22.64 -14.81 -7.63
N LEU B 260 -21.43 -15.32 -7.84
CA LEU B 260 -21.28 -16.66 -8.39
C LEU B 260 -21.67 -17.72 -7.36
N THR B 261 -22.12 -18.87 -7.84
CA THR B 261 -22.28 -20.02 -6.98
C THR B 261 -20.91 -20.43 -6.46
N ALA B 262 -20.90 -21.10 -5.30
CA ALA B 262 -19.66 -21.66 -4.76
C ALA B 262 -18.94 -22.51 -5.81
N MET B 263 -19.70 -23.39 -6.50
CA MET B 263 -19.15 -24.27 -7.53
C MET B 263 -18.50 -23.47 -8.66
N ALA B 264 -19.14 -22.37 -9.09
CA ALA B 264 -18.59 -21.58 -10.18
C ALA B 264 -17.37 -20.78 -9.72
N ALA B 265 -17.45 -20.13 -8.55
CA ALA B 265 -16.30 -19.38 -8.04
C ALA B 265 -15.10 -20.28 -7.81
N ALA B 266 -15.33 -21.46 -7.23
CA ALA B 266 -14.25 -22.39 -6.96
C ALA B 266 -13.64 -22.93 -8.25
N GLY B 267 -14.50 -23.32 -9.21
CA GLY B 267 -14.01 -23.70 -10.52
C GLY B 267 -13.15 -22.63 -11.13
N ALA B 268 -13.64 -21.39 -11.18
CA ALA B 268 -12.89 -20.31 -11.78
C ALA B 268 -11.54 -20.17 -11.11
N VAL B 269 -11.51 -20.11 -9.77
CA VAL B 269 -10.24 -19.89 -9.05
C VAL B 269 -9.30 -21.09 -9.19
N SER B 270 -9.82 -22.27 -9.53
CA SER B 270 -8.96 -23.45 -9.61
C SER B 270 -7.93 -23.39 -10.74
N SER B 271 -8.12 -22.55 -11.76
CA SER B 271 -7.13 -22.47 -12.83
C SER B 271 -5.79 -21.92 -12.34
N LEU B 272 -5.79 -21.29 -11.16
CA LEU B 272 -4.57 -20.73 -10.62
C LEU B 272 -3.50 -21.79 -10.44
N ALA B 273 -3.89 -23.03 -10.14
CA ALA B 273 -2.91 -24.10 -9.98
C ALA B 273 -2.15 -24.37 -11.26
N PHE B 274 -2.87 -24.49 -12.38
CA PHE B 274 -2.22 -24.68 -13.68
C PHE B 274 -1.25 -23.55 -13.97
N SER B 275 -1.71 -22.30 -13.83
CA SER B 275 -0.77 -21.27 -14.25
C SER B 275 0.40 -21.19 -13.29
N ASN B 276 0.15 -21.43 -11.98
CA ASN B 276 1.20 -21.38 -10.97
C ASN B 276 2.26 -22.44 -11.22
N ALA B 277 1.86 -23.60 -11.72
CA ALA B 277 2.89 -24.60 -12.04
C ALA B 277 3.61 -24.25 -13.35
N ALA B 278 2.84 -23.97 -14.41
CA ALA B 278 3.42 -23.73 -15.74
C ALA B 278 4.43 -22.58 -15.73
N THR B 279 4.14 -21.50 -14.98
CA THR B 279 5.01 -20.33 -15.02
C THR B 279 6.40 -20.66 -14.49
N ARG B 280 6.49 -21.62 -13.56
CA ARG B 280 7.76 -21.86 -12.88
C ARG B 280 8.83 -22.34 -13.86
N ILE B 281 8.43 -23.11 -14.85
CA ILE B 281 9.31 -23.56 -15.93
C ILE B 281 9.35 -22.56 -17.08
N LEU B 282 8.19 -22.10 -17.53
CA LEU B 282 8.15 -21.23 -18.69
C LEU B 282 8.87 -19.90 -18.44
N SER B 283 8.59 -19.24 -17.31
CA SER B 283 9.27 -17.98 -16.98
C SER B 283 10.77 -18.18 -16.90
N GLY B 284 11.21 -19.28 -16.28
CA GLY B 284 12.64 -19.56 -16.24
C GLY B 284 13.24 -19.62 -17.63
N TRP B 285 12.66 -20.44 -18.50
CA TRP B 285 13.16 -20.53 -19.87
C TRP B 285 13.11 -19.18 -20.59
N PHE B 286 12.00 -18.47 -20.45
CA PHE B 286 11.83 -17.21 -21.16
C PHE B 286 12.91 -16.22 -20.75
N VAL B 287 13.15 -16.07 -19.44
CA VAL B 287 14.17 -15.12 -19.01
C VAL B 287 15.57 -15.63 -19.34
N ASP B 288 15.76 -16.95 -19.38
CA ASP B 288 17.04 -17.45 -19.89
C ASP B 288 17.30 -16.89 -21.27
N LYS B 289 16.27 -16.86 -22.12
CA LYS B 289 16.45 -16.40 -23.50
C LYS B 289 16.48 -14.87 -23.62
N ILE B 290 15.82 -14.12 -22.72
CA ILE B 290 15.74 -12.67 -22.91
C ILE B 290 16.19 -11.83 -21.69
N GLY B 291 16.48 -12.45 -20.56
CA GLY B 291 16.87 -11.66 -19.41
C GLY B 291 15.74 -11.53 -18.38
N ILE B 292 16.13 -11.16 -17.17
CA ILE B 292 15.24 -11.25 -16.02
C ILE B 292 14.47 -9.96 -15.77
N ARG B 293 15.19 -8.83 -15.73
CA ARG B 293 14.72 -7.66 -14.97
C ARG B 293 13.39 -7.14 -15.48
N VAL B 294 13.29 -6.91 -16.78
CA VAL B 294 12.09 -6.27 -17.32
C VAL B 294 10.90 -7.23 -17.34
N TYR B 295 11.10 -8.49 -17.73
CA TYR B 295 10.02 -9.46 -17.65
C TYR B 295 9.51 -9.61 -16.21
N PHE B 296 10.45 -9.75 -15.26
CA PHE B 296 10.12 -9.89 -13.84
C PHE B 296 9.31 -8.68 -13.33
N ALA B 297 9.80 -7.48 -13.64
CA ALA B 297 9.10 -6.26 -13.26
C ALA B 297 7.72 -6.21 -13.90
N ALA B 298 7.59 -6.69 -15.14
CA ALA B 298 6.29 -6.71 -15.80
C ALA B 298 5.32 -7.64 -15.08
N LEU B 299 5.77 -8.83 -14.70
CA LEU B 299 4.92 -9.75 -13.93
C LEU B 299 4.41 -9.09 -12.65
N PHE B 300 5.30 -8.35 -11.97
CA PHE B 300 4.85 -7.62 -10.78
C PHE B 300 3.78 -6.59 -11.12
N ALA B 301 4.03 -5.77 -12.14
CA ALA B 301 3.06 -4.75 -12.51
C ALA B 301 1.73 -5.38 -12.88
N LEU B 302 1.80 -6.52 -13.54
CA LEU B 302 0.59 -7.22 -13.91
C LEU B 302 -0.16 -7.68 -12.67
N GLN B 303 0.56 -8.13 -11.63
CA GLN B 303 -0.11 -8.46 -10.35
C GLN B 303 -0.82 -7.24 -9.77
N THR B 304 -0.15 -6.09 -9.77
CA THR B 304 -0.79 -4.85 -9.33
C THR B 304 -2.11 -4.63 -10.05
N ALA B 305 -2.06 -4.70 -11.38
CA ALA B 305 -3.27 -4.59 -12.20
C ALA B 305 -4.30 -5.63 -11.81
N ALA B 306 -3.88 -6.86 -11.51
CA ALA B 306 -4.85 -7.92 -11.22
C ALA B 306 -5.56 -7.67 -9.90
N MET B 307 -4.80 -7.30 -8.86
CA MET B 307 -5.41 -7.01 -7.57
C MET B 307 -6.43 -5.88 -7.70
N ILE B 308 -6.21 -4.93 -8.60
CA ILE B 308 -7.23 -3.89 -8.80
C ILE B 308 -8.36 -4.37 -9.69
N ALA B 309 -8.04 -5.16 -10.71
CA ALA B 309 -9.02 -5.52 -11.73
C ALA B 309 -10.05 -6.53 -11.21
N ILE B 310 -9.69 -7.32 -10.19
CA ILE B 310 -10.65 -8.33 -9.73
C ILE B 310 -11.97 -7.69 -9.38
N PHE B 311 -11.96 -6.42 -8.91
CA PHE B 311 -13.21 -5.75 -8.58
C PHE B 311 -14.10 -5.52 -9.79
N GLN B 312 -13.57 -5.71 -10.99
CA GLN B 312 -14.39 -5.63 -12.18
C GLN B 312 -14.63 -6.99 -12.82
N LEU B 313 -13.69 -7.92 -12.71
CA LEU B 313 -13.85 -9.21 -13.38
C LEU B 313 -14.40 -10.32 -12.49
N GLY B 314 -14.30 -10.18 -11.15
CA GLY B 314 -14.51 -11.29 -10.24
C GLY B 314 -15.93 -11.83 -10.20
N GLY B 315 -16.88 -11.17 -10.85
CA GLY B 315 -18.26 -11.58 -10.88
C GLY B 315 -18.68 -12.39 -12.10
N SER B 316 -17.73 -12.87 -12.89
CA SER B 316 -18.05 -13.77 -14.00
C SER B 316 -17.01 -14.89 -13.99
N VAL B 317 -17.50 -16.11 -14.19
CA VAL B 317 -16.62 -17.27 -14.23
C VAL B 317 -15.41 -17.00 -15.10
N VAL B 318 -15.65 -16.47 -16.30
CA VAL B 318 -14.54 -16.19 -17.21
C VAL B 318 -13.64 -15.08 -16.67
N GLY B 319 -14.22 -13.99 -16.16
CA GLY B 319 -13.40 -12.91 -15.62
C GLY B 319 -12.57 -13.33 -14.43
N LEU B 320 -13.21 -13.99 -13.45
CA LEU B 320 -12.48 -14.47 -12.27
C LEU B 320 -11.43 -15.52 -12.66
N SER B 321 -11.74 -16.39 -13.65
CA SER B 321 -10.74 -17.31 -14.19
C SER B 321 -9.52 -16.56 -14.72
N ILE B 322 -9.75 -15.53 -15.53
CA ILE B 322 -8.63 -14.73 -16.05
C ILE B 322 -7.81 -14.16 -14.91
N VAL B 323 -8.47 -13.56 -13.92
CA VAL B 323 -7.75 -13.01 -12.77
C VAL B 323 -6.98 -14.11 -12.05
N ALA B 324 -7.62 -15.27 -11.86
CA ALA B 324 -6.98 -16.38 -11.15
C ALA B 324 -5.74 -16.86 -11.89
N ILE B 325 -5.84 -16.98 -13.23
CA ILE B 325 -4.72 -17.48 -14.03
C ILE B 325 -3.58 -16.49 -13.99
N VAL B 326 -3.88 -15.20 -14.15
CA VAL B 326 -2.82 -14.19 -14.12
C VAL B 326 -2.12 -14.18 -12.77
N ILE B 327 -2.92 -14.17 -11.68
CA ILE B 327 -2.33 -14.14 -10.34
C ILE B 327 -1.46 -15.36 -10.14
N GLY B 328 -1.95 -16.52 -10.54
CA GLY B 328 -1.12 -17.70 -10.41
C GLY B 328 0.17 -17.54 -11.19
N TRP B 329 0.09 -17.01 -12.41
CA TRP B 329 1.27 -16.90 -13.26
C TRP B 329 2.34 -16.04 -12.60
N ASN B 330 1.94 -14.86 -12.14
CA ASN B 330 2.86 -13.92 -11.52
C ASN B 330 3.42 -14.46 -10.21
N TYR B 331 2.53 -14.89 -9.32
CA TYR B 331 2.93 -15.47 -8.04
C TYR B 331 3.96 -16.57 -8.24
N GLY B 332 3.59 -17.62 -8.96
CA GLY B 332 4.55 -18.69 -9.24
C GLY B 332 5.87 -18.17 -9.78
N ALA B 333 5.80 -17.22 -10.72
CA ALA B 333 7.02 -16.70 -11.33
C ALA B 333 8.05 -16.24 -10.29
N MET B 334 7.58 -15.63 -9.20
CA MET B 334 8.51 -15.16 -8.16
C MET B 334 9.57 -16.20 -7.78
N PHE B 335 9.17 -17.45 -7.61
CA PHE B 335 10.04 -18.45 -7.01
C PHE B 335 11.08 -19.02 -7.98
N THR B 336 10.93 -18.79 -9.29
CA THR B 336 12.04 -18.98 -10.22
C THR B 336 12.86 -17.70 -10.39
N LEU B 337 12.19 -16.54 -10.41
CA LEU B 337 12.88 -15.33 -10.86
C LEU B 337 13.72 -14.70 -9.76
N PHE B 338 13.29 -14.77 -8.49
CA PHE B 338 14.17 -14.29 -7.43
C PHE B 338 15.44 -15.12 -7.32
N PRO B 339 15.39 -16.44 -7.28
CA PRO B 339 16.67 -17.17 -7.27
C PRO B 339 17.48 -16.89 -8.52
N ALA B 340 16.85 -16.82 -9.70
CA ALA B 340 17.61 -16.49 -10.92
C ALA B 340 18.27 -15.12 -10.82
N THR B 341 17.53 -14.12 -10.32
CA THR B 341 18.09 -12.79 -10.13
C THR B 341 19.25 -12.80 -9.14
N CYS B 342 19.03 -13.39 -7.96
CA CYS B 342 20.07 -13.45 -6.94
C CYS B 342 21.30 -14.15 -7.49
N LEU B 343 21.10 -15.19 -8.28
CA LEU B 343 22.19 -15.88 -8.96
C LEU B 343 22.92 -14.94 -9.91
N GLN B 344 22.16 -14.17 -10.69
CA GLN B 344 22.79 -13.20 -11.57
C GLN B 344 23.64 -12.21 -10.79
N PHE B 345 23.11 -11.70 -9.67
CA PHE B 345 23.77 -10.64 -8.91
C PHE B 345 25.06 -11.12 -8.25
N TYR B 346 25.02 -12.27 -7.57
CA TYR B 346 26.13 -12.65 -6.69
C TYR B 346 26.86 -13.93 -7.10
N GLY B 347 26.42 -14.63 -8.15
CA GLY B 347 27.09 -15.85 -8.54
C GLY B 347 26.65 -17.08 -7.78
N PRO B 348 27.06 -18.28 -8.26
CA PRO B 348 26.50 -19.53 -7.70
C PRO B 348 27.26 -20.18 -6.54
N THR B 349 28.54 -19.85 -6.30
CA THR B 349 29.30 -20.61 -5.30
C THR B 349 28.69 -20.46 -3.91
N ALA B 350 28.20 -19.26 -3.57
CA ALA B 350 27.54 -19.03 -2.30
C ALA B 350 26.03 -18.93 -2.44
N GLN B 351 25.48 -19.51 -3.52
CA GLN B 351 24.05 -19.37 -3.79
C GLN B 351 23.19 -20.03 -2.72
N GLY B 352 23.67 -21.12 -2.10
CA GLY B 352 22.92 -21.71 -1.01
C GLY B 352 22.69 -20.72 0.10
N SER B 353 23.76 -20.06 0.56
CA SER B 353 23.66 -19.08 1.64
C SER B 353 22.83 -17.87 1.22
N ASN B 354 23.22 -17.25 0.09
CA ASN B 354 22.52 -16.06 -0.38
C ASN B 354 21.03 -16.33 -0.57
N TYR B 355 20.68 -17.41 -1.28
CA TYR B 355 19.26 -17.63 -1.54
C TYR B 355 18.50 -18.10 -0.28
N GLY B 356 19.13 -18.91 0.61
CA GLY B 356 18.45 -19.26 1.86
C GLY B 356 18.08 -18.05 2.68
N LEU B 357 19.05 -17.16 2.87
CA LEU B 357 18.77 -15.89 3.52
C LEU B 357 17.63 -15.17 2.80
N LEU B 358 17.74 -14.98 1.47
CA LEU B 358 16.70 -14.25 0.75
C LEU B 358 15.33 -14.89 0.88
N PHE B 359 15.26 -16.22 0.97
CA PHE B 359 13.96 -16.88 1.02
C PHE B 359 13.26 -16.67 2.35
N THR B 360 14.04 -16.47 3.42
CA THR B 360 13.37 -16.21 4.71
C THR B 360 12.35 -15.07 4.63
N ALA B 361 12.48 -14.18 3.63
CA ALA B 361 11.45 -13.16 3.40
C ALA B 361 10.13 -13.80 2.99
N CYS B 362 10.18 -14.75 2.06
CA CYS B 362 8.99 -15.52 1.74
C CYS B 362 8.51 -16.33 2.94
N GLY B 363 9.43 -16.67 3.85
CA GLY B 363 9.02 -17.34 5.07
C GLY B 363 8.13 -16.47 5.95
N LEU B 364 8.61 -15.26 6.25
CA LEU B 364 7.80 -14.31 7.03
C LEU B 364 6.47 -14.01 6.32
N ALA B 365 6.51 -13.80 5.00
CA ALA B 365 5.27 -13.54 4.27
C ALA B 365 4.30 -14.71 4.42
N GLY B 366 4.78 -15.94 4.24
CA GLY B 366 3.90 -17.10 4.35
C GLY B 366 3.36 -17.31 5.74
N PHE B 367 4.09 -16.88 6.77
CA PHE B 367 3.55 -16.93 8.11
C PHE B 367 2.36 -15.98 8.25
N ALA B 368 2.56 -14.71 7.87
CA ALA B 368 1.63 -13.67 8.28
C ALA B 368 0.56 -13.30 7.26
N GLY B 369 0.88 -13.35 5.96
CA GLY B 369 0.03 -12.82 4.93
C GLY B 369 -1.42 -13.26 4.92
N PRO B 370 -1.66 -14.58 4.92
CA PRO B 370 -3.05 -15.03 4.86
C PRO B 370 -3.88 -14.52 6.02
N TRP B 371 -3.28 -14.51 7.21
CA TRP B 371 -3.96 -14.00 8.39
C TRP B 371 -4.22 -12.49 8.27
N VAL B 372 -3.23 -11.71 7.84
CA VAL B 372 -3.46 -10.28 7.70
C VAL B 372 -4.60 -10.02 6.74
N GLY B 373 -4.59 -10.71 5.59
CA GLY B 373 -5.66 -10.55 4.61
C GLY B 373 -7.03 -10.87 5.15
N GLY B 374 -7.14 -12.00 5.86
CA GLY B 374 -8.40 -12.32 6.51
C GLY B 374 -8.82 -11.28 7.52
N TRP B 375 -7.86 -10.74 8.28
CA TRP B 375 -8.19 -9.77 9.33
C TRP B 375 -8.72 -8.48 8.71
N LEU B 376 -8.05 -7.99 7.67
CA LEU B 376 -8.52 -6.80 6.96
C LEU B 376 -9.93 -7.04 6.40
N LYS B 377 -10.15 -8.20 5.77
CA LYS B 377 -11.47 -8.57 5.27
C LYS B 377 -12.54 -8.48 6.36
N ASP B 378 -12.37 -9.22 7.45
CA ASP B 378 -13.36 -9.21 8.53
C ASP B 378 -13.53 -7.81 9.10
N THR B 379 -12.41 -7.13 9.36
CA THR B 379 -12.41 -5.79 9.92
C THR B 379 -13.32 -4.84 9.14
N THR B 380 -13.13 -4.75 7.83
CA THR B 380 -13.90 -3.76 7.09
C THR B 380 -15.23 -4.30 6.59
N GLY B 381 -15.45 -5.60 6.67
CA GLY B 381 -16.61 -6.19 6.04
C GLY B 381 -16.49 -6.34 4.53
N THR B 382 -15.37 -5.95 3.93
CA THR B 382 -15.24 -5.93 2.49
C THR B 382 -13.89 -6.48 2.08
N TYR B 383 -13.73 -6.69 0.77
CA TYR B 383 -12.49 -7.15 0.14
C TYR B 383 -11.60 -6.01 -0.32
N TYR B 384 -12.05 -4.74 -0.18
CA TYR B 384 -11.26 -3.61 -0.67
C TYR B 384 -9.91 -3.53 0.03
N LEU B 385 -9.91 -3.59 1.36
CA LEU B 385 -8.62 -3.41 2.05
C LEU B 385 -7.61 -4.47 1.68
N PRO B 386 -7.88 -5.78 1.79
CA PRO B 386 -6.82 -6.76 1.49
C PRO B 386 -6.33 -6.70 0.05
N PHE B 387 -7.26 -6.60 -0.91
CA PHE B 387 -6.87 -6.59 -2.31
C PHE B 387 -6.10 -5.33 -2.66
N LEU B 388 -6.50 -4.18 -2.12
CA LEU B 388 -5.78 -2.96 -2.48
C LEU B 388 -4.47 -2.78 -1.71
N CYS B 389 -4.42 -3.22 -0.46
CA CYS B 389 -3.14 -3.32 0.24
C CYS B 389 -2.19 -4.24 -0.53
N ALA B 390 -2.70 -5.36 -1.06
CA ALA B 390 -1.85 -6.26 -1.86
C ALA B 390 -1.42 -5.60 -3.16
N ALA B 391 -2.30 -4.80 -3.78
CA ALA B 391 -1.94 -4.08 -5.00
C ALA B 391 -0.85 -3.06 -4.71
N ALA B 392 -0.91 -2.43 -3.54
CA ALA B 392 0.15 -1.50 -3.15
C ALA B 392 1.49 -2.22 -3.00
N LEU B 393 1.48 -3.39 -2.34
CA LEU B 393 2.74 -4.12 -2.19
C LEU B 393 3.30 -4.52 -3.55
N CYS B 394 2.46 -5.02 -4.45
CA CYS B 394 2.95 -5.35 -5.79
C CYS B 394 3.45 -4.12 -6.55
N ALA B 395 2.88 -2.94 -6.33
CA ALA B 395 3.40 -1.74 -6.98
C ALA B 395 4.81 -1.41 -6.48
N LEU B 396 4.99 -1.43 -5.16
CA LEU B 396 6.34 -1.21 -4.60
C LEU B 396 7.33 -2.19 -5.19
N GLY B 397 6.95 -3.48 -5.23
CA GLY B 397 7.83 -4.49 -5.80
C GLY B 397 8.15 -4.25 -7.26
N THR B 398 7.15 -3.90 -8.06
CA THR B 398 7.39 -3.52 -9.45
C THR B 398 8.49 -2.47 -9.55
N ALA B 399 8.35 -1.39 -8.78
CA ALA B 399 9.36 -0.33 -8.85
C ALA B 399 10.73 -0.88 -8.45
N ILE B 400 10.79 -1.59 -7.33
CA ILE B 400 12.08 -2.13 -6.85
C ILE B 400 12.74 -3.02 -7.90
N VAL B 401 12.00 -4.01 -8.43
CA VAL B 401 12.58 -4.97 -9.37
C VAL B 401 12.98 -4.29 -10.67
N PHE B 402 12.23 -3.26 -11.09
CA PHE B 402 12.57 -2.59 -12.33
C PHE B 402 13.81 -1.71 -12.17
N MET B 403 13.97 -1.06 -11.01
CA MET B 403 15.10 -0.15 -10.81
C MET B 403 16.40 -0.88 -10.43
N THR B 404 16.33 -2.09 -9.88
CA THR B 404 17.54 -2.73 -9.36
C THR B 404 18.31 -3.40 -10.49
N LYS B 405 19.40 -2.81 -10.87
CA LYS B 405 20.24 -3.38 -11.89
C LYS B 405 21.40 -4.10 -11.22
N PRO B 406 22.06 -5.03 -11.89
CA PRO B 406 23.02 -5.90 -11.21
C PRO B 406 24.10 -5.09 -10.53
N PRO B 407 24.62 -5.57 -9.40
CA PRO B 407 25.74 -4.89 -8.75
C PRO B 407 27.04 -5.18 -9.47
N GLU B 408 28.02 -4.29 -9.23
CA GLU B 408 29.32 -4.37 -9.86
C GLU B 408 29.95 -5.75 -9.71
N LYS B 409 30.39 -6.34 -10.83
CA LYS B 409 30.95 -7.68 -10.79
C LYS B 409 32.36 -7.71 -10.20
N LYS B 410 32.56 -8.63 -9.26
CA LYS B 410 33.84 -8.79 -8.57
C LYS B 410 34.79 -9.58 -9.48
#